data_9UYM
#
_entry.id   9UYM
#
_cell.length_a   1.00
_cell.length_b   1.00
_cell.length_c   1.00
_cell.angle_alpha   90.00
_cell.angle_beta   90.00
_cell.angle_gamma   90.00
#
_symmetry.space_group_name_H-M   'P 1'
#
loop_
_entity.id
_entity.type
_entity.pdbx_description
1 polymer 'Retinoic acid receptor responder protein 2'
2 polymer 'Nanobody 32'
3 polymer 'Single-chain fragment variable 30 (scFv30)'
4 polymer Beta-arrestin-2,Beta-arrestin-1
5 polymer 'Chemerin-like receptor 2,Vasopressin V2 receptor'
6 non-polymer 'CHOLESTEROL HEMISUCCINATE'
#
loop_
_entity_poly.entity_id
_entity_poly.type
_entity_poly.pdbx_seq_one_letter_code
_entity_poly.pdbx_strand_id
1 'polypeptide(L)'
;MKTIIALSYIFCLVFAELTEAQRRGLQVALEEFHKHPPVQWAFQETSVESAVDTPFPAGIFVRLEFKLQQTSCRKRDWKK
PECKVRPNGRKRKCLACIKLGSEDKVLGRLVHCPIETQVLREAEEHQETQCLRVQRAGEDPHSFYFPGQFAFS
;
L
2 'polypeptide(L)'
;QVQLQESGGGLVQAGGSLRLSCVVSGFFFDTVTMAWYRRAPGKHRELVASATAGGTTTYADSVKDRFTISRDNAKNTVYL
QMNSLKPEDTAVYYCNTFVRSLSWGQGTQVTVSSHHHHHH
;
B
3 'polypeptide(L)'
;SDIQMTQSPSSLSASVGDRVTITCRASQSVSSAVAWYQQKPGKAPKLLIYSASSLYSGVPSRFSGSRSGTDFTLTISSLQ
PEDFATYYCQQYKYVPVTFGQGTKVEIKGTTAASGSSGGSSSGAEVQLVESGGGLVQPGGSLRLSCAASGFNVYSSSIHW
VRQAPGKGLEWVASISSYYGYTYYADSVKGRFTISADTSKNTAYLQMNSLRAEDTAVYYCARSRQFWYSGLDYWGQGTLV
TVSSA
;
C
4 'polypeptide(L)'
;MGEKPGTRVFKKSSPNGKLTVYLGKRDFVDHLDKVDPVDGVVLVDPDYLKDRKVFVTLTVAFRYGREDLDVLGLSFRKDL
FIATYQAFPPVPNPPRPPTRLQDRLLRKLGQHAHPFFFTIPQNLPSSVTLQPGPEDTGKALGVDFEIRAFVAKSLEEKSH
KRNSVRLVIRKVQFAPEKPGPQPSAETTRHFLMSDRSLHLEASLDKELYYHGEPLNVNVHVTNNSTKTVKKIKVSVRQYA
DIVLFSTAQYKVPVAQLEQDDQVSPSSTFSKVYTITPLLSDNREKRGLALDGKLKHEDTNLASSTIVKEGANKEVLGILV
SYRVKVKLVVSRGGDVSVELPFVLMHPKPKEEPPHREVPENETPVDTNL
;
A
5 'polypeptide(L)'
;MKTIIALSYIFCLVFAGSWSHPQFEKGSGAGASAGSWSHPQFEKGSDYKDDDDKEFLEVLFQGPEDLEETLFEEFENYSY
DLDYYSLESDLEEKVQLGVVHWVSLVLYCLAFVLGIPGNAIVIWFTGFKWKKTVTTLWFLNLAIADFIFLLFLPLYISYV
AMNFHWPFGIWLCKANSFTAQLNMFASVFFLTVISLDHYIHLIHPVLSHRHRTLKNSLIVIIFIWLLASLIGGPALYFRD
TVEFNNHTLCYNNFQKHDPDLTLIRHHVLTWVKFIIGYLFPLLTMSICYLCLIFKVKKRSILISSRHFWTILVVVVAFVV
CWTPYHLFSIWELTIHHNSYSHHVMQAGIPLSTGLAFLNSCLNPILYVLISKKFQARFRSSVAEIARGRTPPSLGPQDE
(SEP)C(TPO)(TPO)A(SEP)(SEP)(SEP)LAKDTSS
;
R
#
loop_
_chem_comp.id
_chem_comp.type
_chem_comp.name
_chem_comp.formula
Y01 non-polymer 'CHOLESTEROL HEMISUCCINATE' 'C31 H50 O4'
#
# COMPACT_ATOMS: atom_id res chain seq x y z
N GLU A 20 81.40 -9.17 36.26
CA GLU A 20 80.48 -8.50 37.17
C GLU A 20 79.04 -8.64 36.69
N ALA A 21 78.40 -7.51 36.41
CA ALA A 21 77.02 -7.53 35.93
C ALA A 21 76.93 -8.22 34.57
N GLN A 22 77.88 -7.93 33.67
CA GLN A 22 77.88 -8.57 32.36
C GLN A 22 78.12 -10.07 32.49
N ARG A 23 79.03 -10.48 33.38
CA ARG A 23 79.27 -11.90 33.59
C ARG A 23 78.04 -12.60 34.14
N ARG A 24 77.36 -11.96 35.10
CA ARG A 24 76.13 -12.55 35.65
C ARG A 24 75.04 -12.66 34.58
N GLY A 25 74.92 -11.63 33.74
CA GLY A 25 73.94 -11.70 32.67
C GLY A 25 74.24 -12.80 31.67
N LEU A 26 75.50 -12.96 31.30
CA LEU A 26 75.89 -14.03 30.39
C LEU A 26 75.62 -15.39 31.03
N GLN A 27 75.93 -15.54 32.32
CA GLN A 27 75.70 -16.81 33.00
C GLN A 27 74.22 -17.15 33.05
N VAL A 28 73.37 -16.18 33.40
CA VAL A 28 71.94 -16.45 33.49
C VAL A 28 71.35 -16.71 32.10
N ALA A 29 71.86 -16.03 31.07
CA ALA A 29 71.40 -16.31 29.71
C ALA A 29 71.79 -17.72 29.29
N LEU A 30 73.02 -18.15 29.61
CA LEU A 30 73.43 -19.51 29.29
C LEU A 30 72.59 -20.54 30.04
N GLU A 31 72.29 -20.27 31.31
CA GLU A 31 71.45 -21.18 32.08
C GLU A 31 70.05 -21.28 31.48
N GLU A 32 69.49 -20.14 31.08
CA GLU A 32 68.16 -20.16 30.45
C GLU A 32 68.20 -20.92 29.13
N PHE A 33 69.25 -20.74 28.33
CA PHE A 33 69.36 -21.46 27.07
C PHE A 33 69.48 -22.96 27.29
N HIS A 34 70.27 -23.36 28.30
CA HIS A 34 70.43 -24.78 28.59
C HIS A 34 69.19 -25.40 29.24
N LYS A 35 68.35 -24.57 29.88
CA LYS A 35 67.17 -25.10 30.54
C LYS A 35 66.19 -25.71 29.54
N HIS A 36 66.01 -25.06 28.39
CA HIS A 36 65.09 -25.55 27.38
C HIS A 36 65.65 -26.77 26.67
N GLU A 45 80.89 -23.60 26.18
CA GLU A 45 80.73 -22.17 26.09
C GLU A 45 81.62 -21.58 25.00
N THR A 46 81.34 -20.33 24.62
CA THR A 46 82.10 -19.64 23.58
C THR A 46 82.36 -18.22 24.04
N SER A 47 83.47 -17.65 23.54
CA SER A 47 83.86 -16.31 23.92
C SER A 47 82.85 -15.29 23.39
N VAL A 48 82.81 -14.14 24.06
CA VAL A 48 81.88 -13.08 23.71
C VAL A 48 82.61 -12.04 22.88
N GLU A 49 81.83 -11.17 22.22
CA GLU A 49 82.40 -10.13 21.38
C GLU A 49 81.73 -8.76 21.54
N SER A 50 80.79 -8.61 22.46
CA SER A 50 80.12 -7.33 22.64
C SER A 50 79.57 -7.26 24.06
N ALA A 51 79.64 -6.07 24.65
CA ALA A 51 79.11 -5.85 26.00
C ALA A 51 78.89 -4.36 26.20
N VAL A 52 77.86 -4.04 26.97
CA VAL A 52 77.51 -2.65 27.25
C VAL A 52 76.64 -2.63 28.50
N ASP A 53 76.71 -1.53 29.24
CA ASP A 53 75.93 -1.33 30.46
C ASP A 53 75.07 -0.09 30.32
N THR A 54 74.01 -0.04 31.13
CA THR A 54 73.05 1.05 31.08
C THR A 54 72.87 1.65 32.46
N PRO A 55 72.60 2.96 32.53
CA PRO A 55 72.40 3.60 33.84
C PRO A 55 70.95 3.54 34.31
N PHE A 56 70.16 2.66 33.70
CA PHE A 56 68.75 2.56 34.05
C PHE A 56 68.60 2.11 35.50
N PRO A 57 67.63 2.64 36.23
CA PRO A 57 67.47 2.28 37.65
C PRO A 57 67.07 0.82 37.82
N ALA A 58 67.47 0.26 38.97
CA ALA A 58 67.05 -1.08 39.39
C ALA A 58 67.45 -2.15 38.39
N GLY A 59 68.65 -2.03 37.83
CA GLY A 59 69.17 -3.04 36.93
C GLY A 59 70.17 -2.46 35.96
N ILE A 60 70.73 -3.36 35.16
CA ILE A 60 71.68 -3.01 34.12
C ILE A 60 71.27 -3.75 32.85
N PHE A 61 71.03 -3.00 31.78
CA PHE A 61 70.63 -3.59 30.49
C PHE A 61 71.90 -3.98 29.74
N VAL A 62 72.23 -5.28 29.76
CA VAL A 62 73.41 -5.81 29.10
C VAL A 62 73.01 -6.38 27.75
N ARG A 63 73.72 -5.98 26.71
CA ARG A 63 73.50 -6.48 25.35
C ARG A 63 74.61 -7.48 25.05
N LEU A 64 74.38 -8.74 25.43
CA LEU A 64 75.39 -9.79 25.30
C LEU A 64 75.29 -10.42 23.92
N GLU A 65 75.80 -9.69 22.92
CA GLU A 65 75.88 -10.20 21.56
C GLU A 65 77.10 -11.11 21.46
N PHE A 66 76.86 -12.41 21.35
CA PHE A 66 77.94 -13.39 21.33
C PHE A 66 77.44 -14.65 20.64
N LYS A 67 78.20 -15.73 20.76
CA LYS A 67 77.86 -17.01 20.16
C LYS A 67 77.92 -18.09 21.24
N LEU A 68 77.22 -19.19 20.98
CA LEU A 68 77.13 -20.31 21.92
C LEU A 68 77.38 -21.62 21.18
N GLN A 69 78.45 -21.66 20.39
CA GLN A 69 78.83 -22.89 19.70
C GLN A 69 79.15 -23.98 20.70
N GLN A 70 78.39 -25.06 20.67
CA GLN A 70 78.50 -26.14 21.65
C GLN A 70 79.09 -27.39 21.01
N THR A 71 79.87 -28.11 21.81
CA THR A 71 80.43 -29.40 21.43
C THR A 71 80.04 -30.41 22.49
N SER A 72 79.69 -31.63 22.07
CA SER A 72 79.15 -32.66 22.95
C SER A 72 77.90 -32.13 23.67
N CYS A 73 76.89 -31.82 22.85
CA CYS A 73 75.69 -31.11 23.28
C CYS A 73 75.08 -31.74 24.53
N ARG A 74 74.81 -30.89 25.51
CA ARG A 74 74.21 -31.33 26.77
C ARG A 74 72.70 -31.34 26.66
N LYS A 93 75.52 -17.43 16.83
CA LYS A 93 75.32 -16.02 17.16
C LYS A 93 74.03 -15.82 17.95
N CYS A 94 74.15 -15.29 19.16
CA CYS A 94 73.02 -15.05 20.05
C CYS A 94 72.80 -13.56 20.23
N LEU A 95 71.61 -13.21 20.68
CA LEU A 95 71.19 -11.83 20.90
C LEU A 95 70.52 -11.69 22.26
N ALA A 96 71.16 -12.24 23.29
CA ALA A 96 70.59 -12.24 24.64
C ALA A 96 70.50 -10.82 25.16
N CYS A 97 69.29 -10.29 25.25
CA CYS A 97 69.04 -8.95 25.79
C CYS A 97 68.64 -9.04 27.25
N ILE A 98 69.57 -9.52 28.08
CA ILE A 98 69.29 -9.69 29.50
C ILE A 98 69.18 -8.33 30.19
N LYS A 99 68.47 -8.32 31.31
CA LYS A 99 68.28 -7.10 32.08
C LYS A 99 69.02 -7.17 33.42
N LYS A 105 68.32 -10.73 40.99
CA LYS A 105 66.99 -10.66 40.42
C LYS A 105 67.01 -9.93 39.08
N VAL A 106 66.46 -10.57 38.05
CA VAL A 106 66.40 -10.01 36.71
C VAL A 106 64.93 -9.83 36.35
N LEU A 107 64.53 -8.61 36.02
CA LEU A 107 63.15 -8.30 35.65
C LEU A 107 62.94 -8.38 34.14
N GLY A 108 63.30 -9.52 33.56
CA GLY A 108 63.13 -9.75 32.14
C GLY A 108 64.33 -10.44 31.52
N ARG A 109 64.07 -11.24 30.49
CA ARG A 109 65.13 -11.93 29.76
C ARG A 109 64.70 -12.04 28.30
N LEU A 110 65.25 -11.17 27.46
CA LEU A 110 64.97 -11.18 26.03
C LEU A 110 66.09 -11.89 25.27
N VAL A 111 66.21 -13.19 25.55
CA VAL A 111 67.28 -14.00 24.97
C VAL A 111 66.80 -14.61 23.66
N HIS A 112 67.67 -14.57 22.65
CA HIS A 112 67.37 -15.13 21.35
C HIS A 112 68.66 -15.63 20.72
N CYS A 113 68.61 -16.84 20.16
CA CYS A 113 69.77 -17.42 19.49
C CYS A 113 69.35 -18.53 18.53
N THR A 129 62.71 -8.50 18.03
CA THR A 129 63.75 -7.53 18.32
C THR A 129 63.21 -6.35 19.12
N GLN A 130 62.54 -6.65 20.23
CA GLN A 130 61.94 -5.65 21.10
C GLN A 130 62.76 -5.47 22.38
N CYS A 131 64.09 -5.51 22.25
CA CYS A 131 64.96 -5.31 23.40
C CYS A 131 64.78 -3.94 24.05
N LEU A 132 64.25 -2.97 23.30
CA LEU A 132 63.95 -1.68 23.91
C LEU A 132 62.90 -1.81 25.00
N ARG A 133 61.92 -2.68 24.80
CA ARG A 133 60.88 -2.89 25.80
C ARG A 133 61.46 -3.44 27.10
N VAL A 134 62.32 -4.46 26.99
CA VAL A 134 62.91 -5.03 28.20
C VAL A 134 63.92 -4.07 28.82
N GLN A 135 64.55 -3.22 28.01
CA GLN A 135 65.44 -2.20 28.55
C GLN A 135 64.67 -1.17 29.36
N ARG A 136 63.52 -0.73 28.85
CA ARG A 136 62.71 0.26 29.55
C ARG A 136 61.88 -0.34 30.68
N ALA A 137 61.75 -1.66 30.72
CA ALA A 137 60.99 -2.30 31.79
C ALA A 137 61.71 -2.13 33.13
N GLY A 138 60.93 -1.86 34.17
CA GLY A 138 61.48 -1.67 35.50
C GLY A 138 61.24 -2.85 36.42
N HIS A 142 58.83 1.39 31.96
CA HIS A 142 58.24 1.04 33.24
C HIS A 142 56.89 0.35 33.06
N SER A 143 56.71 -0.30 31.92
CA SER A 143 55.47 -1.00 31.61
C SER A 143 55.78 -2.16 30.67
N PHE A 144 55.20 -3.32 30.98
CA PHE A 144 55.41 -4.51 30.16
C PHE A 144 54.04 -4.99 29.68
N TYR A 145 53.22 -4.07 29.19
CA TYR A 145 51.89 -4.37 28.69
C TYR A 145 51.84 -4.13 27.19
N PHE A 146 51.51 -5.17 26.43
CA PHE A 146 51.41 -5.03 24.98
C PHE A 146 50.14 -4.28 24.61
N PRO A 147 50.19 -3.39 23.63
CA PRO A 147 48.96 -2.71 23.18
C PRO A 147 47.90 -3.71 22.73
N GLY A 148 46.66 -3.43 23.09
CA GLY A 148 45.58 -4.36 22.78
C GLY A 148 45.75 -5.66 23.53
N GLN A 149 45.87 -6.76 22.77
CA GLN A 149 46.18 -8.12 23.23
C GLN A 149 45.20 -8.63 24.28
N PHE A 150 44.11 -7.91 24.53
CA PHE A 150 42.96 -8.42 25.28
C PHE A 150 41.72 -8.53 24.42
N ALA A 151 41.82 -8.23 23.13
CA ALA A 151 40.68 -8.33 22.22
C ALA A 151 41.20 -8.54 20.81
N PHE A 152 40.29 -8.98 19.93
CA PHE A 152 40.65 -9.22 18.53
C PHE A 152 40.92 -7.93 17.77
N SER A 153 40.25 -6.84 18.15
CA SER A 153 40.47 -5.52 17.54
C SER A 153 40.33 -5.55 16.02
N VAL B 2 -25.06 -20.37 -3.87
CA VAL B 2 -25.04 -20.46 -5.31
C VAL B 2 -25.65 -21.80 -5.73
N GLN B 3 -26.16 -21.87 -6.97
CA GLN B 3 -26.85 -23.06 -7.48
C GLN B 3 -28.06 -23.41 -6.62
N LEU B 4 -28.85 -22.38 -6.28
CA LEU B 4 -30.07 -22.58 -5.51
C LEU B 4 -31.16 -23.19 -6.38
N GLN B 5 -31.30 -24.51 -6.36
CA GLN B 5 -32.27 -25.23 -7.18
C GLN B 5 -33.43 -25.67 -6.28
N GLU B 6 -34.52 -24.91 -6.31
CA GLU B 6 -35.70 -25.26 -5.55
C GLU B 6 -36.49 -26.34 -6.26
N SER B 7 -37.02 -27.29 -5.49
CA SER B 7 -37.78 -28.42 -6.02
C SER B 7 -39.18 -28.43 -5.39
N GLY B 8 -39.96 -29.42 -5.80
CA GLY B 8 -41.31 -29.55 -5.29
C GLY B 8 -42.27 -28.54 -5.89
N GLY B 9 -43.46 -28.49 -5.30
CA GLY B 9 -44.49 -27.56 -5.75
C GLY B 9 -45.23 -28.06 -6.98
N GLY B 10 -46.18 -27.24 -7.41
CA GLY B 10 -46.99 -27.57 -8.57
C GLY B 10 -48.47 -27.39 -8.33
N LEU B 20 -42.02 -29.26 -1.58
CA LEU B 20 -41.13 -28.12 -1.49
C LEU B 20 -39.79 -28.50 -0.86
N SER B 21 -38.73 -28.45 -1.65
CA SER B 21 -37.40 -28.81 -1.18
C SER B 21 -36.37 -27.93 -1.87
N CYS B 22 -35.34 -27.54 -1.13
CA CYS B 22 -34.24 -26.73 -1.64
C CYS B 22 -32.92 -27.45 -1.40
N VAL B 23 -32.04 -27.39 -2.38
CA VAL B 23 -30.72 -28.04 -2.31
C VAL B 23 -29.67 -26.99 -2.60
N VAL B 24 -28.74 -26.80 -1.66
CA VAL B 24 -27.65 -25.85 -1.84
C VAL B 24 -26.38 -26.63 -2.17
N SER B 25 -25.43 -25.94 -2.78
CA SER B 25 -24.16 -26.53 -3.17
C SER B 25 -22.96 -25.89 -2.50
N GLY B 26 -22.89 -24.56 -2.46
CA GLY B 26 -21.77 -23.87 -1.86
C GLY B 26 -21.68 -23.99 -0.36
N PHE B 27 -22.68 -23.45 0.33
CA PHE B 27 -22.69 -23.46 1.79
C PHE B 27 -23.18 -24.81 2.32
N PHE B 28 -23.04 -24.99 3.63
CA PHE B 28 -23.44 -26.21 4.31
C PHE B 28 -24.39 -25.88 5.44
N PHE B 29 -25.21 -26.87 5.81
CA PHE B 29 -26.19 -26.72 6.87
C PHE B 29 -25.61 -26.92 8.27
N ASP B 30 -24.28 -26.86 8.41
CA ASP B 30 -23.65 -27.09 9.69
C ASP B 30 -23.70 -25.82 10.54
N THR B 31 -24.43 -25.88 11.65
CA THR B 31 -24.50 -24.79 12.63
C THR B 31 -25.02 -23.49 12.01
N VAL B 32 -25.96 -23.61 11.06
CA VAL B 32 -26.59 -22.44 10.45
C VAL B 32 -28.10 -22.67 10.45
N THR B 33 -28.84 -21.56 10.32
CA THR B 33 -30.29 -21.58 10.32
C THR B 33 -30.79 -21.30 8.91
N MET B 34 -31.66 -22.18 8.41
CA MET B 34 -32.25 -22.04 7.09
C MET B 34 -33.74 -21.77 7.22
N ALA B 35 -34.27 -20.94 6.33
CA ALA B 35 -35.66 -20.52 6.41
C ALA B 35 -36.29 -20.56 5.03
N TRP B 36 -37.62 -20.64 5.02
CA TRP B 36 -38.42 -20.57 3.80
C TRP B 36 -39.16 -19.24 3.73
N TYR B 37 -39.13 -18.63 2.55
CA TYR B 37 -39.73 -17.32 2.34
C TYR B 37 -40.81 -17.45 1.26
N ARG B 38 -42.04 -17.07 1.61
CA ARG B 38 -43.12 -16.90 0.66
C ARG B 38 -43.37 -15.41 0.51
N ARG B 39 -43.46 -14.94 -0.74
CA ARG B 39 -43.45 -13.49 -0.94
C ARG B 39 -44.81 -12.88 -0.62
N ALA B 40 -45.78 -13.10 -1.51
CA ALA B 40 -47.15 -12.63 -1.38
C ALA B 40 -47.90 -13.04 -2.64
N PRO B 41 -49.23 -12.96 -2.66
CA PRO B 41 -49.92 -13.00 -3.96
C PRO B 41 -49.46 -11.91 -4.91
N GLY B 42 -49.27 -10.69 -4.40
CA GLY B 42 -48.85 -9.58 -5.25
C GLY B 42 -47.93 -8.54 -4.61
N LYS B 43 -47.15 -8.92 -3.60
CA LYS B 43 -46.39 -7.93 -2.84
C LYS B 43 -44.99 -8.48 -2.56
N HIS B 44 -44.28 -7.82 -1.65
CA HIS B 44 -42.87 -8.08 -1.39
C HIS B 44 -42.69 -9.37 -0.60
N ARG B 45 -41.46 -9.65 -0.18
CA ARG B 45 -41.13 -10.92 0.45
C ARG B 45 -41.68 -10.97 1.88
N GLU B 46 -41.75 -12.20 2.40
CA GLU B 46 -42.18 -12.44 3.76
C GLU B 46 -41.53 -13.72 4.27
N LEU B 47 -41.61 -13.93 5.58
CA LEU B 47 -41.01 -15.08 6.24
C LEU B 47 -42.09 -16.05 6.69
N VAL B 48 -41.85 -17.35 6.46
CA VAL B 48 -42.80 -18.40 6.81
C VAL B 48 -42.31 -19.21 8.01
N ALA B 49 -41.15 -19.86 7.89
CA ALA B 49 -40.64 -20.67 8.97
C ALA B 49 -39.13 -20.78 8.84
N SER B 50 -38.48 -21.15 9.95
CA SER B 50 -37.03 -21.31 9.99
C SER B 50 -36.69 -22.61 10.71
N ALA B 51 -35.41 -22.97 10.65
CA ALA B 51 -34.94 -24.19 11.28
C ALA B 51 -33.46 -24.04 11.61
N THR B 52 -33.13 -24.08 12.90
CA THR B 52 -31.75 -23.98 13.35
C THR B 52 -31.10 -25.37 13.29
N ALA B 53 -29.92 -25.50 13.91
CA ALA B 53 -29.22 -26.78 13.93
C ALA B 53 -30.03 -27.87 14.64
N GLY B 54 -30.98 -27.48 15.49
CA GLY B 54 -31.82 -28.45 16.17
C GLY B 54 -32.18 -28.05 17.59
N GLY B 55 -33.46 -28.15 17.93
CA GLY B 55 -33.91 -27.85 19.27
C GLY B 55 -34.96 -26.75 19.33
N THR B 56 -34.81 -25.71 18.52
CA THR B 56 -35.73 -24.59 18.49
C THR B 56 -36.18 -24.37 17.05
N THR B 57 -37.40 -24.79 16.73
CA THR B 57 -37.91 -24.65 15.37
C THR B 57 -38.41 -23.23 15.09
N THR B 58 -39.08 -22.61 16.06
CA THR B 58 -39.48 -21.20 16.00
C THR B 58 -40.31 -20.90 14.75
N TYR B 59 -41.48 -21.52 14.67
CA TYR B 59 -42.33 -21.19 13.50
C TYR B 59 -42.91 -19.81 13.65
N ALA B 60 -43.75 -19.44 12.72
CA ALA B 60 -44.45 -18.16 12.69
C ALA B 60 -45.85 -18.33 13.29
N ASP B 61 -46.68 -17.31 13.16
CA ASP B 61 -48.04 -17.34 13.71
C ASP B 61 -49.09 -17.71 12.68
N SER B 62 -49.03 -17.10 11.49
CA SER B 62 -50.05 -17.35 10.47
C SER B 62 -49.97 -18.78 9.95
N VAL B 63 -48.76 -19.29 9.72
CA VAL B 63 -48.65 -20.66 9.11
C VAL B 63 -48.61 -21.71 10.22
N LYS B 64 -48.68 -21.29 11.49
CA LYS B 64 -48.59 -22.24 12.59
C LYS B 64 -49.72 -23.27 12.50
N ASP B 65 -49.36 -24.52 12.87
CA ASP B 65 -50.31 -25.67 12.79
C ASP B 65 -50.40 -26.09 11.33
N ARG B 66 -50.66 -25.13 10.43
CA ARG B 66 -50.85 -25.46 8.99
C ARG B 66 -49.51 -25.84 8.34
N PHE B 67 -48.39 -25.22 8.75
CA PHE B 67 -47.11 -25.46 8.05
C PHE B 67 -46.03 -26.05 8.96
N THR B 68 -45.32 -27.07 8.48
CA THR B 68 -44.21 -27.66 9.24
C THR B 68 -42.89 -27.35 8.54
N ILE B 69 -41.80 -28.01 8.95
CA ILE B 69 -40.46 -27.78 8.41
C ILE B 69 -39.54 -28.87 8.95
N SER B 70 -38.55 -29.24 8.15
CA SER B 70 -37.58 -30.26 8.55
C SER B 70 -36.32 -30.08 7.70
N ARG B 71 -35.21 -30.65 8.18
CA ARG B 71 -33.95 -30.55 7.48
C ARG B 71 -33.07 -31.74 7.86
N ASP B 72 -32.30 -32.22 6.88
CA ASP B 72 -31.34 -33.30 7.08
C ASP B 72 -29.95 -32.79 6.74
N ASN B 73 -29.01 -32.97 7.67
CA ASN B 73 -27.65 -32.47 7.47
C ASN B 73 -26.85 -33.32 6.47
N ALA B 74 -27.34 -34.50 6.12
CA ALA B 74 -26.63 -35.38 5.19
C ALA B 74 -27.28 -35.47 3.83
N LYS B 75 -28.60 -35.29 3.73
CA LYS B 75 -29.31 -35.37 2.46
C LYS B 75 -29.12 -34.13 1.60
N ASN B 76 -28.53 -33.06 2.14
CA ASN B 76 -28.29 -31.82 1.40
C ASN B 76 -29.59 -31.25 0.83
N THR B 77 -30.66 -31.33 1.61
CA THR B 77 -31.96 -30.83 1.18
C THR B 77 -32.78 -30.46 2.41
N VAL B 78 -33.79 -29.61 2.18
CA VAL B 78 -34.64 -29.07 3.25
C VAL B 78 -36.09 -29.28 2.81
N TYR B 79 -36.82 -30.09 3.57
CA TYR B 79 -38.23 -30.35 3.19
C TYR B 79 -39.16 -29.50 4.03
N LEU B 80 -39.96 -28.64 3.39
CA LEU B 80 -40.99 -27.88 4.14
C LEU B 80 -42.32 -28.60 3.88
N GLN B 81 -43.10 -28.88 4.93
CA GLN B 81 -44.32 -29.68 4.72
C GLN B 81 -45.58 -28.85 5.03
N MET B 82 -46.57 -28.83 4.15
CA MET B 82 -47.75 -27.94 4.40
C MET B 82 -48.96 -28.79 4.81
N LYS B 86 -56.28 -21.02 4.12
CA LYS B 86 -56.11 -22.15 3.22
C LYS B 86 -55.83 -21.75 1.76
N PRO B 87 -56.65 -20.87 1.16
CA PRO B 87 -56.39 -20.48 -0.23
C PRO B 87 -55.47 -19.28 -0.40
N GLU B 88 -54.95 -18.72 0.68
CA GLU B 88 -54.05 -17.58 0.61
C GLU B 88 -52.60 -17.98 0.44
N ASP B 89 -52.32 -19.29 0.48
CA ASP B 89 -50.93 -19.81 0.32
C ASP B 89 -50.65 -20.09 -1.16
N THR B 90 -50.83 -19.07 -2.02
CA THR B 90 -50.60 -19.18 -3.46
C THR B 90 -49.61 -18.09 -3.86
N ALA B 91 -48.33 -18.45 -3.89
CA ALA B 91 -47.27 -17.51 -4.22
C ALA B 91 -46.05 -18.30 -4.69
N VAL B 92 -44.91 -17.65 -4.76
CA VAL B 92 -43.65 -18.29 -5.13
C VAL B 92 -42.81 -18.46 -3.87
N TYR B 93 -42.57 -19.71 -3.50
CA TYR B 93 -41.82 -19.99 -2.24
C TYR B 93 -40.33 -20.03 -2.54
N TYR B 94 -39.52 -19.57 -1.58
CA TYR B 94 -38.07 -19.49 -1.69
C TYR B 94 -37.43 -20.12 -0.46
N CYS B 95 -36.27 -20.72 -0.66
CA CYS B 95 -35.48 -21.31 0.41
C CYS B 95 -34.16 -20.55 0.50
N ASN B 96 -33.85 -20.04 1.69
CA ASN B 96 -32.65 -19.23 1.88
C ASN B 96 -32.26 -19.26 3.35
N THR B 97 -31.04 -18.79 3.61
CA THR B 97 -30.55 -18.67 4.97
C THR B 97 -31.34 -17.59 5.71
N PHE B 98 -31.47 -17.75 7.03
CA PHE B 98 -32.23 -16.81 7.84
C PHE B 98 -31.68 -15.39 7.70
N VAL B 99 -30.35 -15.26 7.67
CA VAL B 99 -29.72 -13.94 7.46
C VAL B 99 -29.74 -13.52 6.01
N ARG B 100 -30.31 -14.34 5.12
CA ARG B 100 -30.43 -14.03 3.69
C ARG B 100 -29.04 -13.81 3.08
N SER B 101 -28.21 -14.83 3.16
CA SER B 101 -26.84 -14.79 2.67
C SER B 101 -26.75 -15.25 1.21
N LEU B 102 -27.37 -16.39 0.90
CA LEU B 102 -27.30 -16.93 -0.45
C LEU B 102 -28.11 -16.07 -1.42
N SER B 103 -27.73 -16.13 -2.70
CA SER B 103 -28.47 -15.41 -3.72
C SER B 103 -29.88 -15.98 -3.86
N TRP B 104 -30.85 -15.08 -4.03
CA TRP B 104 -32.24 -15.49 -4.11
C TRP B 104 -32.49 -16.32 -5.35
N GLY B 105 -33.15 -17.46 -5.17
CA GLY B 105 -33.49 -18.35 -6.26
C GLY B 105 -34.88 -18.11 -6.79
N GLN B 106 -35.46 -19.17 -7.37
CA GLN B 106 -36.81 -19.12 -7.91
C GLN B 106 -37.56 -20.38 -7.52
N GLY B 107 -38.84 -20.21 -7.20
CA GLY B 107 -39.72 -21.33 -6.89
C GLY B 107 -40.67 -21.60 -8.05
N THR B 108 -40.95 -22.88 -8.28
CA THR B 108 -41.77 -23.27 -9.42
C THR B 108 -43.18 -22.71 -9.32
N GLN B 109 -43.95 -23.18 -8.34
CA GLN B 109 -45.32 -22.76 -8.13
C GLN B 109 -45.87 -23.48 -6.90
N VAL B 110 -46.94 -22.94 -6.34
CA VAL B 110 -47.69 -23.61 -5.28
C VAL B 110 -49.12 -23.07 -5.30
N THR B 111 -50.07 -23.95 -4.98
CA THR B 111 -51.48 -23.58 -4.96
C THR B 111 -52.27 -24.48 -4.03
N ILE C 3 -27.85 -10.50 -22.15
CA ILE C 3 -29.07 -10.80 -21.41
C ILE C 3 -30.28 -10.75 -22.33
N GLN C 4 -30.88 -11.91 -22.57
CA GLN C 4 -32.07 -11.97 -23.41
C GLN C 4 -33.24 -11.28 -22.69
N MET C 5 -33.93 -10.40 -23.41
CA MET C 5 -35.00 -9.59 -22.84
C MET C 5 -36.22 -9.69 -23.75
N THR C 6 -37.32 -10.24 -23.22
CA THR C 6 -38.56 -10.36 -23.95
C THR C 6 -39.67 -9.61 -23.22
N GLN C 7 -40.63 -9.11 -23.98
CA GLN C 7 -41.78 -8.39 -23.45
C GLN C 7 -43.04 -9.19 -23.74
N SER C 8 -43.88 -9.35 -22.72
CA SER C 8 -45.11 -10.12 -22.89
C SER C 8 -46.05 -9.51 -23.93
N PRO C 9 -46.38 -8.23 -23.90
CA PRO C 9 -47.22 -7.67 -24.97
C PRO C 9 -46.46 -7.58 -26.28
N SER C 10 -47.18 -7.77 -27.38
CA SER C 10 -46.62 -7.67 -28.72
C SER C 10 -47.22 -6.53 -29.52
N SER C 11 -48.54 -6.47 -29.64
CA SER C 11 -49.22 -5.39 -30.36
C SER C 11 -50.63 -5.29 -29.80
N LEU C 12 -50.85 -4.31 -28.92
CA LEU C 12 -52.12 -4.12 -28.27
C LEU C 12 -52.86 -2.92 -28.85
N SER C 13 -54.16 -2.86 -28.57
CA SER C 13 -55.02 -1.77 -29.02
C SER C 13 -55.79 -1.23 -27.82
N ALA C 14 -55.95 0.09 -27.78
CA ALA C 14 -56.64 0.74 -26.68
C ALA C 14 -57.30 2.02 -27.16
N SER C 15 -58.29 2.47 -26.41
CA SER C 15 -59.00 3.70 -26.73
C SER C 15 -58.29 4.88 -26.08
N VAL C 16 -58.93 6.06 -26.10
CA VAL C 16 -58.30 7.26 -25.57
C VAL C 16 -58.15 7.18 -24.06
N GLY C 17 -59.18 6.68 -23.37
CA GLY C 17 -59.18 6.67 -21.92
C GLY C 17 -58.77 5.36 -21.29
N ASP C 18 -58.11 4.50 -22.04
CA ASP C 18 -57.68 3.21 -21.52
C ASP C 18 -56.36 3.35 -20.76
N ARG C 19 -55.89 2.24 -20.21
CA ARG C 19 -54.65 2.19 -19.42
C ARG C 19 -53.73 1.15 -20.06
N VAL C 20 -52.73 1.62 -20.79
CA VAL C 20 -51.79 0.73 -21.46
C VAL C 20 -50.71 0.31 -20.48
N THR C 21 -50.48 -1.00 -20.37
CA THR C 21 -49.47 -1.55 -19.47
C THR C 21 -48.47 -2.36 -20.29
N ILE C 22 -47.19 -2.10 -20.07
CA ILE C 22 -46.11 -2.80 -20.77
C ILE C 22 -45.21 -3.45 -19.72
N THR C 23 -44.91 -4.73 -19.91
CA THR C 23 -44.12 -5.51 -18.97
C THR C 23 -42.78 -5.87 -19.60
N CYS C 24 -41.70 -5.67 -18.85
CA CYS C 24 -40.35 -6.01 -19.29
C CYS C 24 -39.75 -7.02 -18.33
N ARG C 25 -39.25 -8.12 -18.88
CA ARG C 25 -38.68 -9.21 -18.09
C ARG C 25 -37.22 -9.42 -18.47
N ALA C 26 -36.34 -9.47 -17.47
CA ALA C 26 -34.93 -9.72 -17.70
C ALA C 26 -34.64 -11.22 -17.59
N SER C 27 -33.34 -11.57 -17.66
CA SER C 27 -32.94 -12.96 -17.61
C SER C 27 -31.74 -13.22 -16.71
N GLN C 28 -31.17 -12.20 -16.06
CA GLN C 28 -30.01 -12.41 -15.20
C GLN C 28 -30.12 -11.60 -13.90
N SER C 29 -31.33 -11.23 -13.51
CA SER C 29 -31.57 -10.43 -12.30
C SER C 29 -30.80 -9.11 -12.35
N VAL C 30 -31.13 -8.31 -13.37
CA VAL C 30 -30.51 -7.00 -13.53
C VAL C 30 -30.94 -6.09 -12.38
N SER C 31 -30.07 -5.15 -12.04
CA SER C 31 -30.36 -4.22 -10.94
C SER C 31 -31.37 -3.17 -11.42
N SER C 32 -31.64 -2.19 -10.56
CA SER C 32 -32.61 -1.14 -10.87
C SER C 32 -31.99 -0.14 -11.84
N ALA C 33 -31.76 -0.61 -13.07
CA ALA C 33 -31.20 0.20 -14.15
C ALA C 33 -31.92 -0.20 -15.44
N VAL C 34 -33.00 0.49 -15.75
CA VAL C 34 -33.79 0.24 -16.95
C VAL C 34 -34.16 1.58 -17.58
N ALA C 35 -33.95 1.69 -18.88
CA ALA C 35 -34.28 2.88 -19.64
C ALA C 35 -35.39 2.57 -20.63
N TRP C 36 -36.45 3.37 -20.62
CA TRP C 36 -37.60 3.19 -21.50
C TRP C 36 -37.55 4.22 -22.62
N TYR C 37 -37.69 3.75 -23.86
CA TYR C 37 -37.62 4.61 -25.03
C TYR C 37 -38.90 4.49 -25.85
N GLN C 38 -39.39 5.62 -26.34
CA GLN C 38 -40.57 5.67 -27.18
C GLN C 38 -40.16 6.12 -28.58
N GLN C 39 -40.46 5.30 -29.58
CA GLN C 39 -40.10 5.56 -30.96
C GLN C 39 -41.34 5.49 -31.84
N LYS C 40 -41.63 6.57 -32.56
CA LYS C 40 -42.78 6.61 -33.44
C LYS C 40 -42.46 6.03 -34.81
N LYS C 43 -39.20 8.35 -36.54
CA LYS C 43 -38.44 9.37 -35.84
C LYS C 43 -37.47 8.74 -34.84
N ALA C 44 -36.60 9.57 -34.28
CA ALA C 44 -35.63 9.06 -33.30
C ALA C 44 -36.33 8.71 -32.00
N PRO C 45 -35.90 7.65 -31.31
CA PRO C 45 -36.52 7.29 -30.04
C PRO C 45 -36.27 8.36 -28.98
N LYS C 46 -37.22 8.49 -28.07
CA LYS C 46 -37.15 9.46 -26.98
C LYS C 46 -37.16 8.73 -25.65
N LEU C 47 -36.25 9.10 -24.76
CA LEU C 47 -36.15 8.47 -23.45
C LEU C 47 -37.22 9.03 -22.52
N LEU C 48 -38.00 8.14 -21.91
CA LEU C 48 -39.07 8.53 -21.00
C LEU C 48 -38.71 8.27 -19.54
N ILE C 49 -38.35 7.03 -19.20
CA ILE C 49 -38.07 6.62 -17.83
C ILE C 49 -36.65 6.08 -17.78
N TYR C 50 -35.87 6.57 -16.81
CA TYR C 50 -34.54 6.05 -16.53
C TYR C 50 -34.47 5.64 -15.06
N SER C 51 -33.73 4.57 -14.80
CA SER C 51 -33.61 3.94 -13.48
C SER C 51 -34.93 3.34 -13.00
N ALA C 52 -35.93 3.26 -13.86
CA ALA C 52 -37.21 2.61 -13.58
C ALA C 52 -37.98 3.28 -12.46
N SER C 53 -37.46 4.38 -11.92
CA SER C 53 -38.13 5.08 -10.83
C SER C 53 -38.18 6.58 -11.09
N SER C 54 -37.22 7.09 -11.88
CA SER C 54 -37.09 8.50 -12.13
C SER C 54 -37.80 8.91 -13.42
N LEU C 55 -38.14 10.19 -13.50
CA LEU C 55 -38.82 10.76 -14.65
C LEU C 55 -37.88 11.71 -15.38
N TYR C 56 -37.76 11.52 -16.69
CA TYR C 56 -36.92 12.39 -17.50
C TYR C 56 -37.51 13.79 -17.58
N SER C 57 -36.63 14.79 -17.62
CA SER C 57 -37.07 16.18 -17.69
C SER C 57 -37.55 16.53 -19.09
N VAL C 59 -40.95 15.12 -20.66
CA VAL C 59 -42.10 14.23 -20.75
C VAL C 59 -43.07 14.51 -19.60
N PRO C 60 -44.36 14.30 -19.85
CA PRO C 60 -45.35 14.54 -18.80
C PRO C 60 -45.22 13.54 -17.66
N SER C 61 -46.01 13.78 -16.61
CA SER C 61 -46.00 12.94 -15.42
C SER C 61 -46.88 11.70 -15.57
N ARG C 62 -47.55 11.53 -16.72
CA ARG C 62 -48.39 10.36 -16.92
C ARG C 62 -47.57 9.08 -16.90
N PHE C 63 -46.39 9.10 -17.53
CA PHE C 63 -45.55 7.90 -17.59
C PHE C 63 -45.00 7.58 -16.20
N SER C 64 -45.12 6.32 -15.81
CA SER C 64 -44.65 5.87 -14.50
C SER C 64 -43.90 4.55 -14.67
N GLY C 65 -42.90 4.35 -13.83
CA GLY C 65 -42.12 3.12 -13.85
C GLY C 65 -42.09 2.47 -12.49
N SER C 66 -42.20 1.13 -12.49
CA SER C 66 -42.19 0.35 -11.26
C SER C 66 -41.26 -0.84 -11.43
N ARG C 67 -40.63 -1.24 -10.32
CA ARG C 67 -39.72 -2.38 -10.29
C ARG C 67 -40.28 -3.42 -9.34
N SER C 68 -40.33 -4.67 -9.80
CA SER C 68 -40.83 -5.79 -9.01
C SER C 68 -39.85 -6.96 -9.09
N GLY C 69 -38.56 -6.67 -8.93
CA GLY C 69 -37.53 -7.68 -9.02
C GLY C 69 -36.91 -7.76 -10.39
N THR C 70 -37.08 -8.90 -11.06
CA THR C 70 -36.58 -9.09 -12.42
C THR C 70 -37.58 -8.66 -13.47
N ASP C 71 -38.77 -8.23 -13.07
CA ASP C 71 -39.81 -7.79 -14.01
C ASP C 71 -40.04 -6.29 -13.83
N PHE C 72 -39.97 -5.56 -14.94
CA PHE C 72 -40.17 -4.11 -14.94
C PHE C 72 -41.43 -3.77 -15.72
N THR C 73 -42.22 -2.87 -15.16
CA THR C 73 -43.53 -2.52 -15.71
C THR C 73 -43.60 -1.03 -16.01
N LEU C 74 -44.14 -0.69 -17.17
CA LEU C 74 -44.38 0.69 -17.57
C LEU C 74 -45.89 0.93 -17.62
N THR C 75 -46.36 1.92 -16.88
CA THR C 75 -47.78 2.22 -16.77
C THR C 75 -48.03 3.63 -17.28
N ILE C 76 -48.97 3.77 -18.22
CA ILE C 76 -49.33 5.09 -18.72
C ILE C 76 -50.40 5.73 -17.85
N SER C 77 -51.47 4.98 -17.57
CA SER C 77 -52.55 5.37 -16.66
C SER C 77 -53.42 6.47 -17.25
N SER C 78 -53.01 7.02 -18.38
CA SER C 78 -53.83 7.99 -19.12
C SER C 78 -53.28 8.05 -20.54
N LEU C 79 -54.01 7.49 -21.48
CA LEU C 79 -53.53 7.44 -22.86
C LEU C 79 -53.90 8.73 -23.59
N GLN C 80 -53.08 9.07 -24.58
CA GLN C 80 -53.21 10.28 -25.37
C GLN C 80 -53.16 9.93 -26.84
N PRO C 81 -53.78 10.73 -27.71
CA PRO C 81 -53.73 10.42 -29.15
C PRO C 81 -52.34 10.54 -29.75
N GLU C 82 -51.44 11.30 -29.13
CA GLU C 82 -50.06 11.37 -29.58
C GLU C 82 -49.19 10.37 -28.81
N ASP C 83 -49.62 9.11 -28.77
CA ASP C 83 -48.90 8.07 -28.06
C ASP C 83 -48.68 6.82 -28.89
N PHE C 84 -49.17 6.79 -30.14
CA PHE C 84 -49.01 5.61 -31.00
C PHE C 84 -47.54 5.49 -31.38
N ALA C 85 -46.83 4.57 -30.75
CA ALA C 85 -45.41 4.39 -30.97
C ALA C 85 -44.99 3.02 -30.44
N THR C 86 -43.71 2.71 -30.58
CA THR C 86 -43.15 1.46 -30.11
C THR C 86 -42.25 1.73 -28.91
N TYR C 87 -42.40 0.93 -27.86
CA TYR C 87 -41.67 1.10 -26.62
C TYR C 87 -40.67 -0.03 -26.45
N TYR C 88 -39.44 0.32 -26.09
CA TYR C 88 -38.36 -0.64 -25.91
C TYR C 88 -37.85 -0.60 -24.49
N CYS C 89 -37.37 -1.73 -24.01
CA CYS C 89 -36.83 -1.88 -22.66
C CYS C 89 -35.35 -2.23 -22.77
N GLN C 90 -34.52 -1.52 -22.01
CA GLN C 90 -33.07 -1.69 -22.05
C GLN C 90 -32.53 -1.81 -20.64
N GLN C 91 -31.41 -2.52 -20.50
CA GLN C 91 -30.70 -2.65 -19.24
C GLN C 91 -29.28 -2.12 -19.43
N TYR C 92 -28.93 -1.06 -18.71
CA TYR C 92 -27.58 -0.51 -18.76
C TYR C 92 -26.80 -0.96 -17.52
N LYS C 93 -26.54 -2.26 -17.46
CA LYS C 93 -25.71 -2.83 -16.41
C LYS C 93 -24.42 -3.44 -16.92
N TYR C 94 -24.40 -3.98 -18.14
CA TYR C 94 -23.21 -4.57 -18.73
C TYR C 94 -22.93 -3.91 -20.06
N VAL C 95 -21.70 -4.10 -20.55
CA VAL C 95 -21.31 -3.49 -21.82
C VAL C 95 -22.20 -3.93 -22.97
N PRO C 96 -22.50 -5.23 -23.17
CA PRO C 96 -23.43 -5.57 -24.26
C PRO C 96 -24.89 -5.28 -23.87
N VAL C 97 -25.27 -4.01 -23.94
CA VAL C 97 -26.62 -3.61 -23.61
C VAL C 97 -27.59 -4.19 -24.63
N THR C 98 -28.70 -4.74 -24.15
CA THR C 98 -29.69 -5.41 -24.99
C THR C 98 -31.01 -4.67 -24.90
N PHE C 99 -31.57 -4.31 -26.05
CA PHE C 99 -32.87 -3.66 -26.12
C PHE C 99 -33.96 -4.72 -26.21
N GLY C 100 -35.15 -4.36 -25.72
CA GLY C 100 -36.29 -5.25 -25.75
C GLY C 100 -36.96 -5.28 -27.11
N GLN C 101 -38.22 -5.69 -27.09
CA GLN C 101 -39.04 -5.77 -28.29
C GLN C 101 -40.08 -4.67 -28.30
N GLY C 102 -40.41 -4.20 -29.51
CA GLY C 102 -41.39 -3.13 -29.63
C GLY C 102 -42.78 -3.59 -29.25
N THR C 103 -43.59 -2.62 -28.80
CA THR C 103 -44.97 -2.87 -28.40
C THR C 103 -45.84 -1.80 -29.05
N LYS C 104 -46.35 -2.11 -30.24
CA LYS C 104 -47.21 -1.17 -30.96
C LYS C 104 -48.53 -1.00 -30.21
N VAL C 105 -48.98 0.25 -30.12
CA VAL C 105 -50.23 0.56 -29.43
C VAL C 105 -51.21 1.23 -30.39
N VAL C 126 -29.90 21.56 -28.28
CA VAL C 126 -28.91 20.51 -28.50
C VAL C 126 -29.45 19.48 -29.49
N GLN C 127 -28.81 19.39 -30.64
CA GLN C 127 -29.20 18.46 -31.69
C GLN C 127 -27.97 17.73 -32.21
N LEU C 128 -28.18 16.50 -32.68
CA LEU C 128 -27.14 15.66 -33.25
C LEU C 128 -27.42 15.45 -34.73
N VAL C 129 -26.43 15.74 -35.57
CA VAL C 129 -26.55 15.63 -37.02
C VAL C 129 -25.49 14.64 -37.51
N GLU C 130 -25.91 13.69 -38.34
CA GLU C 130 -25.02 12.70 -38.91
C GLU C 130 -25.19 12.68 -40.42
N SER C 131 -24.12 12.25 -41.10
CA SER C 131 -24.10 12.20 -42.56
C SER C 131 -23.53 10.86 -43.01
N GLY C 132 -23.90 10.48 -44.24
CA GLY C 132 -23.45 9.22 -44.80
C GLY C 132 -24.60 8.30 -45.15
N GLY C 133 -24.40 7.44 -46.13
CA GLY C 133 -25.43 6.51 -46.55
C GLY C 133 -25.23 6.14 -48.01
N GLY C 134 -26.24 5.46 -48.56
CA GLY C 134 -26.24 5.01 -49.93
C GLY C 134 -26.02 3.51 -50.02
N LEU C 135 -25.89 3.05 -51.27
CA LEU C 135 -25.65 1.64 -51.52
C LEU C 135 -24.30 1.22 -50.94
N VAL C 136 -24.27 0.02 -50.35
CA VAL C 136 -23.04 -0.45 -49.72
C VAL C 136 -22.09 -1.06 -50.75
N GLN C 137 -22.62 -1.94 -51.62
CA GLN C 137 -21.80 -2.70 -52.55
C GLN C 137 -20.70 -3.41 -51.77
N PRO C 138 -21.03 -4.51 -51.04
CA PRO C 138 -20.14 -5.07 -50.02
C PRO C 138 -18.65 -5.03 -50.35
N GLY C 139 -17.88 -4.48 -49.42
CA GLY C 139 -16.46 -4.22 -49.64
C GLY C 139 -16.21 -2.73 -49.79
N GLY C 140 -15.74 -2.10 -48.73
CA GLY C 140 -15.54 -0.67 -48.72
C GLY C 140 -15.42 -0.13 -47.30
N SER C 141 -15.58 1.18 -47.17
CA SER C 141 -15.48 1.85 -45.89
C SER C 141 -16.82 2.44 -45.43
N LEU C 142 -17.44 3.31 -46.25
CA LEU C 142 -18.69 3.97 -45.90
C LEU C 142 -18.57 4.64 -44.52
N ARG C 143 -17.67 5.62 -44.46
CA ARG C 143 -17.35 6.30 -43.22
C ARG C 143 -18.47 7.24 -42.81
N LEU C 144 -19.06 7.00 -41.64
CA LEU C 144 -20.08 7.86 -41.07
C LEU C 144 -19.47 8.81 -40.06
N SER C 145 -20.14 9.93 -39.85
CA SER C 145 -19.69 10.94 -38.89
C SER C 145 -20.89 11.46 -38.11
N CYS C 146 -20.62 11.85 -36.86
CA CYS C 146 -21.64 12.42 -35.98
C CYS C 146 -21.19 13.79 -35.51
N ALA C 147 -22.07 14.78 -35.63
CA ALA C 147 -21.77 16.15 -35.25
C ALA C 147 -22.46 16.50 -33.95
N ALA C 148 -21.70 17.07 -33.01
CA ALA C 148 -22.22 17.46 -31.70
C ALA C 148 -22.25 18.97 -31.59
N SER C 149 -23.38 19.52 -31.16
CA SER C 149 -23.54 20.96 -30.99
C SER C 149 -24.31 21.19 -29.70
N GLY C 150 -23.61 21.62 -28.65
CA GLY C 150 -24.24 21.90 -27.38
C GLY C 150 -23.61 21.16 -26.23
N PHE C 151 -22.73 20.21 -26.53
CA PHE C 151 -22.08 19.40 -25.51
C PHE C 151 -20.71 18.96 -26.01
N ASN C 152 -19.85 18.60 -25.07
CA ASN C 152 -18.52 18.11 -25.37
C ASN C 152 -18.49 16.59 -25.34
N VAL C 153 -17.33 16.03 -25.69
CA VAL C 153 -17.15 14.58 -25.70
C VAL C 153 -16.48 14.07 -24.42
N TYR C 154 -15.70 14.91 -23.73
CA TYR C 154 -15.03 14.47 -22.52
C TYR C 154 -16.01 14.19 -21.38
N SER C 155 -17.18 14.81 -21.39
CA SER C 155 -18.17 14.63 -20.33
C SER C 155 -19.42 13.90 -20.81
N SER C 156 -19.42 13.39 -22.04
CA SER C 156 -20.58 12.69 -22.57
C SER C 156 -20.11 11.59 -23.51
N SER C 157 -20.66 10.40 -23.34
CA SER C 157 -20.33 9.28 -24.21
C SER C 157 -21.14 9.33 -25.50
N ILE C 158 -20.61 8.69 -26.52
CA ILE C 158 -21.27 8.58 -27.82
C ILE C 158 -21.51 7.11 -28.11
N HIS C 159 -22.77 6.76 -28.40
CA HIS C 159 -23.18 5.39 -28.66
C HIS C 159 -23.80 5.28 -30.04
N TRP C 160 -23.50 4.18 -30.72
CA TRP C 160 -24.06 3.89 -32.03
C TRP C 160 -24.90 2.62 -31.93
N VAL C 161 -26.12 2.67 -32.49
CA VAL C 161 -27.04 1.54 -32.45
C VAL C 161 -27.52 1.25 -33.86
N ARG C 162 -28.03 0.04 -34.05
CA ARG C 162 -28.55 -0.42 -35.33
C ARG C 162 -30.02 -0.77 -35.18
N GLN C 163 -30.79 -0.55 -36.25
CA GLN C 163 -32.21 -0.87 -36.28
C GLN C 163 -32.55 -1.42 -37.67
N ALA C 164 -32.57 -2.73 -37.80
CA ALA C 164 -32.98 -3.36 -39.04
C ALA C 164 -34.48 -3.12 -39.26
N PRO C 165 -34.93 -3.07 -40.51
CA PRO C 165 -36.37 -2.89 -40.77
C PRO C 165 -37.17 -4.03 -40.19
N GLY C 166 -38.26 -3.68 -39.49
CA GLY C 166 -39.05 -4.68 -38.81
C GLY C 166 -38.30 -5.39 -37.70
N LYS C 167 -37.46 -4.67 -36.96
CA LYS C 167 -36.66 -5.27 -35.91
C LYS C 167 -36.34 -4.21 -34.86
N GLY C 168 -35.94 -4.67 -33.68
CA GLY C 168 -35.62 -3.79 -32.58
C GLY C 168 -34.23 -3.18 -32.69
N LEU C 169 -33.92 -2.32 -31.73
CA LEU C 169 -32.63 -1.65 -31.71
C LEU C 169 -31.51 -2.64 -31.34
N GLU C 170 -30.30 -2.34 -31.80
CA GLU C 170 -29.14 -3.18 -31.54
C GLU C 170 -27.92 -2.29 -31.39
N TRP C 171 -27.38 -2.24 -30.18
CA TRP C 171 -26.18 -1.45 -29.93
C TRP C 171 -24.96 -2.14 -30.52
N VAL C 172 -24.13 -1.38 -31.25
CA VAL C 172 -23.03 -1.98 -31.99
C VAL C 172 -21.68 -1.42 -31.54
N ALA C 173 -21.66 -0.19 -31.02
CA ALA C 173 -20.40 0.43 -30.64
C ALA C 173 -20.65 1.52 -29.61
N SER C 174 -19.59 1.85 -28.88
CA SER C 174 -19.63 2.91 -27.88
C SER C 174 -18.21 3.40 -27.64
N ILE C 175 -18.09 4.69 -27.34
CA ILE C 175 -16.80 5.33 -27.10
C ILE C 175 -16.88 6.16 -25.83
N SER C 176 -15.81 6.16 -25.05
CA SER C 176 -15.70 6.96 -23.83
C SER C 176 -14.36 7.69 -23.89
N SER C 177 -14.39 8.97 -24.28
CA SER C 177 -13.15 9.72 -24.44
C SER C 177 -12.46 9.98 -23.11
N TYR C 178 -13.22 10.07 -22.01
CA TYR C 178 -12.61 10.30 -20.71
C TYR C 178 -11.72 9.15 -20.30
N TYR C 179 -12.16 7.92 -20.53
CA TYR C 179 -11.40 6.73 -20.15
C TYR C 179 -10.68 6.08 -21.32
N GLY C 180 -10.98 6.48 -22.56
CA GLY C 180 -10.36 5.86 -23.71
C GLY C 180 -10.84 4.46 -24.01
N TYR C 181 -12.00 4.07 -23.47
CA TYR C 181 -12.53 2.73 -23.69
C TYR C 181 -13.24 2.63 -25.03
N THR C 182 -13.02 1.51 -25.71
CA THR C 182 -13.67 1.22 -27.00
C THR C 182 -14.44 -0.09 -26.85
N TYR C 183 -15.76 0.01 -26.77
CA TYR C 183 -16.63 -1.14 -26.57
C TYR C 183 -17.32 -1.49 -27.88
N TYR C 184 -17.31 -2.77 -28.23
CA TYR C 184 -17.94 -3.26 -29.44
C TYR C 184 -18.79 -4.48 -29.11
N ALA C 185 -19.82 -4.71 -29.91
CA ALA C 185 -20.69 -5.86 -29.71
C ALA C 185 -19.97 -7.15 -30.09
N ASP C 186 -20.50 -8.26 -29.59
CA ASP C 186 -19.87 -9.56 -29.84
C ASP C 186 -19.88 -9.90 -31.32
N SER C 187 -20.99 -9.65 -32.02
CA SER C 187 -21.11 -9.95 -33.43
C SER C 187 -20.68 -8.79 -34.32
N VAL C 188 -20.25 -7.67 -33.74
CA VAL C 188 -19.83 -6.52 -34.52
C VAL C 188 -18.36 -6.18 -34.33
N LYS C 189 -17.70 -6.67 -33.29
CA LYS C 189 -16.30 -6.35 -33.05
C LYS C 189 -15.42 -6.90 -34.17
N GLY C 190 -14.31 -6.23 -34.41
CA GLY C 190 -13.38 -6.60 -35.47
C GLY C 190 -13.61 -5.91 -36.79
N ARG C 191 -14.85 -5.92 -37.28
CA ARG C 191 -15.20 -5.27 -38.53
C ARG C 191 -15.58 -3.80 -38.35
N PHE C 192 -15.73 -3.33 -37.12
CA PHE C 192 -16.11 -1.96 -36.83
C PHE C 192 -15.05 -1.29 -35.98
N THR C 193 -14.96 0.03 -36.11
CA THR C 193 -13.98 0.82 -35.36
C THR C 193 -14.60 2.16 -35.00
N ILE C 194 -14.60 2.50 -33.71
CA ILE C 194 -15.12 3.77 -33.22
C ILE C 194 -13.95 4.70 -32.96
N SER C 195 -14.15 5.99 -33.28
CA SER C 195 -13.13 7.00 -33.10
C SER C 195 -13.78 8.31 -32.70
N ALA C 196 -13.02 9.14 -31.98
CA ALA C 196 -13.49 10.45 -31.55
C ALA C 196 -12.41 11.49 -31.84
N ASP C 197 -12.83 12.62 -32.42
CA ASP C 197 -11.87 13.67 -32.73
C ASP C 197 -11.40 14.41 -31.48
N THR C 198 -12.31 14.62 -30.53
CA THR C 198 -12.05 15.29 -29.25
C THR C 198 -11.60 16.74 -29.43
N SER C 199 -11.63 17.26 -30.65
CA SER C 199 -11.28 18.65 -30.93
C SER C 199 -12.46 19.43 -31.52
N LYS C 200 -13.08 18.90 -32.57
CA LYS C 200 -14.26 19.52 -33.17
C LYS C 200 -15.56 18.93 -32.64
N ASN C 201 -15.49 18.10 -31.60
CA ASN C 201 -16.65 17.45 -31.00
C ASN C 201 -17.41 16.62 -32.04
N THR C 202 -16.66 15.82 -32.78
CA THR C 202 -17.23 14.93 -33.80
C THR C 202 -16.86 13.49 -33.49
N ALA C 203 -17.77 12.57 -33.80
CA ALA C 203 -17.57 11.15 -33.61
C ALA C 203 -17.79 10.43 -34.92
N TYR C 204 -17.00 9.38 -35.15
CA TYR C 204 -17.04 8.65 -36.42
C TYR C 204 -17.00 7.15 -36.14
N LEU C 205 -17.52 6.39 -37.10
CA LEU C 205 -17.55 4.93 -37.03
C LEU C 205 -16.96 4.38 -38.31
N GLN C 206 -15.82 3.69 -38.19
CA GLN C 206 -15.17 3.05 -39.34
C GLN C 206 -15.72 1.64 -39.49
N MET C 207 -16.30 1.35 -40.65
CA MET C 207 -16.93 0.08 -40.93
C MET C 207 -16.23 -0.60 -42.10
N ASN C 208 -15.90 -1.88 -41.93
CA ASN C 208 -15.19 -2.64 -42.95
C ASN C 208 -15.77 -4.04 -43.03
N SER C 209 -15.56 -4.69 -44.17
CA SER C 209 -16.03 -6.06 -44.42
C SER C 209 -17.53 -6.16 -44.17
N LEU C 210 -18.28 -5.21 -44.73
CA LEU C 210 -19.72 -5.17 -44.54
C LEU C 210 -20.38 -6.38 -45.19
N ARG C 211 -21.39 -6.92 -44.52
CA ARG C 211 -22.15 -8.07 -44.98
C ARG C 211 -23.59 -7.65 -45.28
N ALA C 212 -24.37 -8.59 -45.81
CA ALA C 212 -25.76 -8.32 -46.14
C ALA C 212 -26.66 -8.26 -44.92
N GLU C 213 -26.17 -8.68 -43.75
CA GLU C 213 -26.96 -8.65 -42.52
C GLU C 213 -26.78 -7.37 -41.72
N ASP C 214 -25.98 -6.42 -42.21
CA ASP C 214 -25.73 -5.16 -41.53
C ASP C 214 -26.54 -4.02 -42.11
N THR C 215 -27.50 -4.31 -42.98
CA THR C 215 -28.33 -3.26 -43.60
C THR C 215 -29.34 -2.77 -42.56
N ALA C 216 -29.01 -1.66 -41.92
CA ALA C 216 -29.87 -1.10 -40.87
C ALA C 216 -29.61 0.40 -40.76
N VAL C 217 -30.55 1.08 -40.13
CA VAL C 217 -30.44 2.51 -39.89
C VAL C 217 -29.62 2.75 -38.62
N TYR C 218 -28.60 3.58 -38.73
CA TYR C 218 -27.70 3.88 -37.62
C TYR C 218 -28.12 5.17 -36.94
N TYR C 219 -28.23 5.12 -35.62
CA TYR C 219 -28.67 6.27 -34.81
C TYR C 219 -27.55 6.67 -33.87
N CYS C 220 -26.98 7.85 -34.09
CA CYS C 220 -26.00 8.39 -33.17
C CYS C 220 -26.68 8.79 -31.87
N ALA C 221 -26.11 8.39 -30.74
CA ALA C 221 -26.71 8.61 -29.44
C ALA C 221 -25.72 9.29 -28.51
N ARG C 222 -26.26 10.03 -27.55
CA ARG C 222 -25.47 10.75 -26.56
C ARG C 222 -25.91 10.36 -25.16
N SER C 223 -24.95 10.24 -24.24
CA SER C 223 -25.25 9.91 -22.86
C SER C 223 -24.15 10.49 -21.98
N ARG C 224 -24.54 10.96 -20.80
CA ARG C 224 -23.57 11.56 -19.88
C ARG C 224 -22.61 10.50 -19.37
N GLN C 225 -21.31 10.81 -19.44
CA GLN C 225 -20.29 9.79 -19.28
C GLN C 225 -20.25 9.22 -17.86
N PHE C 226 -20.19 10.09 -16.86
CA PHE C 226 -20.00 9.62 -15.49
C PHE C 226 -21.25 8.95 -14.95
N TRP C 227 -22.41 9.59 -15.12
CA TRP C 227 -23.69 9.06 -14.66
C TRP C 227 -24.47 8.62 -15.90
N TYR C 228 -24.27 7.37 -16.30
CA TYR C 228 -24.87 6.86 -17.54
C TYR C 228 -26.35 6.59 -17.26
N SER C 229 -27.13 7.67 -17.23
CA SER C 229 -28.57 7.55 -16.97
C SER C 229 -29.32 6.98 -18.16
N GLY C 230 -28.74 7.03 -19.35
CA GLY C 230 -29.40 6.54 -20.54
C GLY C 230 -29.14 7.42 -21.76
N LEU C 231 -29.48 6.93 -22.94
CA LEU C 231 -29.27 7.68 -24.18
C LEU C 231 -30.30 8.81 -24.23
N ASP C 232 -29.87 10.02 -23.89
CA ASP C 232 -30.80 11.14 -23.78
C ASP C 232 -31.24 11.64 -25.15
N TYR C 233 -30.29 12.12 -25.94
CA TYR C 233 -30.57 12.69 -27.26
C TYR C 233 -30.11 11.74 -28.35
N TRP C 234 -30.98 11.49 -29.32
CA TRP C 234 -30.71 10.59 -30.42
C TRP C 234 -30.58 11.38 -31.71
N GLY C 235 -29.78 10.84 -32.64
CA GLY C 235 -29.58 11.49 -33.91
C GLY C 235 -30.73 11.28 -34.87
N GLN C 236 -30.66 11.96 -36.01
CA GLN C 236 -31.70 11.85 -37.02
C GLN C 236 -31.72 10.49 -37.71
N GLY C 237 -30.60 9.78 -37.72
CA GLY C 237 -30.53 8.48 -38.34
C GLY C 237 -30.25 8.53 -39.83
N THR C 238 -29.37 7.65 -40.31
CA THR C 238 -29.02 7.57 -41.72
C THR C 238 -29.30 6.16 -42.22
N LEU C 239 -29.98 6.06 -43.36
CA LEU C 239 -30.30 4.77 -43.95
C LEU C 239 -29.07 4.16 -44.58
N VAL C 240 -28.78 2.90 -44.22
CA VAL C 240 -27.66 2.15 -44.78
C VAL C 240 -28.21 0.82 -45.28
N THR C 241 -28.28 0.67 -46.61
CA THR C 241 -28.77 -0.55 -47.22
C THR C 241 -27.66 -1.22 -48.01
N VAL C 242 -27.65 -2.55 -47.98
CA VAL C 242 -26.62 -3.32 -48.68
C VAL C 242 -27.17 -3.85 -50.01
N THR D 7 -36.94 1.11 -2.82
CA THR D 7 -35.79 1.70 -2.15
C THR D 7 -34.50 0.98 -2.56
N ARG D 8 -34.57 -0.35 -2.61
CA ARG D 8 -33.44 -1.19 -3.01
C ARG D 8 -32.22 -0.96 -2.10
N VAL D 9 -32.39 -1.32 -0.83
CA VAL D 9 -31.30 -1.23 0.13
C VAL D 9 -30.19 -2.19 -0.26
N PHE D 10 -28.97 -1.87 0.16
CA PHE D 10 -27.79 -2.64 -0.19
C PHE D 10 -27.32 -3.45 1.02
N LYS D 11 -27.04 -4.73 0.81
CA LYS D 11 -26.67 -5.63 1.88
C LYS D 11 -25.40 -6.40 1.51
N LYS D 12 -24.65 -6.79 2.54
CA LYS D 12 -23.49 -7.66 2.38
C LYS D 12 -23.48 -8.67 3.51
N SER D 13 -23.19 -9.92 3.18
CA SER D 13 -23.20 -11.01 4.14
C SER D 13 -21.77 -11.35 4.56
N SER D 14 -21.64 -12.42 5.32
CA SER D 14 -20.37 -12.90 5.86
C SER D 14 -20.22 -14.37 5.49
N PRO D 15 -18.99 -14.88 5.48
CA PRO D 15 -18.78 -16.31 5.21
C PRO D 15 -19.51 -17.17 6.24
N ASN D 16 -19.98 -18.33 5.76
CA ASN D 16 -20.77 -19.31 6.52
C ASN D 16 -22.16 -18.80 6.87
N GLY D 17 -22.59 -17.68 6.30
CA GLY D 17 -23.93 -17.18 6.52
C GLY D 17 -24.25 -16.85 7.96
N LYS D 18 -23.34 -16.16 8.63
CA LYS D 18 -23.49 -15.86 10.06
C LYS D 18 -24.01 -14.46 10.32
N LEU D 19 -23.57 -13.46 9.55
CA LEU D 19 -23.98 -12.08 9.77
C LEU D 19 -24.35 -11.44 8.44
N THR D 20 -25.21 -10.42 8.52
CA THR D 20 -25.64 -9.69 7.34
C THR D 20 -26.03 -8.28 7.77
N VAL D 21 -25.51 -7.27 7.07
CA VAL D 21 -25.76 -5.88 7.39
C VAL D 21 -26.49 -5.23 6.23
N TYR D 22 -27.48 -4.41 6.54
CA TYR D 22 -28.27 -3.69 5.54
C TYR D 22 -27.99 -2.21 5.65
N LEU D 23 -27.61 -1.59 4.52
CA LEU D 23 -27.32 -0.17 4.46
C LEU D 23 -28.22 0.50 3.43
N GLY D 24 -28.78 1.66 3.80
CA GLY D 24 -29.60 2.40 2.86
C GLY D 24 -28.80 2.93 1.69
N LYS D 25 -27.60 3.45 1.96
CA LYS D 25 -26.73 3.95 0.92
C LYS D 25 -25.27 3.76 1.35
N ARG D 26 -24.39 3.69 0.36
CA ARG D 26 -22.97 3.51 0.62
C ARG D 26 -22.13 4.77 0.40
N ASP D 27 -22.74 5.85 -0.10
CA ASP D 27 -22.06 7.12 -0.30
C ASP D 27 -22.72 8.19 0.56
N PHE D 28 -21.92 8.88 1.35
CA PHE D 28 -22.41 9.92 2.26
C PHE D 28 -21.84 11.26 1.84
N VAL D 29 -22.70 12.28 1.80
CA VAL D 29 -22.35 13.60 1.30
C VAL D 29 -22.05 14.51 2.47
N ASP D 30 -20.93 15.22 2.40
CA ASP D 30 -20.57 16.24 3.39
C ASP D 30 -21.12 17.58 2.94
N HIS D 31 -21.91 18.21 3.81
CA HIS D 31 -22.59 19.45 3.47
C HIS D 31 -21.87 20.69 4.00
N LEU D 32 -20.63 20.54 4.45
CA LEU D 32 -19.80 21.59 5.04
C LEU D 32 -20.30 22.05 6.40
N ASP D 33 -21.45 21.56 6.85
CA ASP D 33 -21.95 21.84 8.20
C ASP D 33 -22.44 20.59 8.91
N LYS D 34 -22.78 19.52 8.19
CA LYS D 34 -23.16 18.26 8.80
C LYS D 34 -22.84 17.14 7.81
N VAL D 35 -22.71 15.93 8.33
CA VAL D 35 -22.39 14.76 7.54
C VAL D 35 -23.54 13.76 7.66
N ASP D 36 -23.87 13.10 6.56
CA ASP D 36 -24.95 12.14 6.54
C ASP D 36 -24.65 11.01 7.52
N PRO D 37 -25.54 10.71 8.47
CA PRO D 37 -25.27 9.64 9.42
C PRO D 37 -25.14 8.28 8.73
N VAL D 38 -24.22 7.46 9.24
CA VAL D 38 -24.02 6.11 8.72
C VAL D 38 -24.93 5.20 9.53
N ASP D 39 -26.17 5.07 9.08
CA ASP D 39 -27.15 4.22 9.74
C ASP D 39 -27.35 2.92 8.97
N GLY D 40 -27.91 1.93 9.66
CA GLY D 40 -28.13 0.64 9.04
C GLY D 40 -28.66 -0.35 10.06
N VAL D 41 -28.87 -1.58 9.59
CA VAL D 41 -29.39 -2.67 10.40
C VAL D 41 -28.56 -3.91 10.13
N VAL D 42 -28.14 -4.59 11.20
CA VAL D 42 -27.37 -5.84 11.10
C VAL D 42 -28.31 -7.00 11.44
N LEU D 43 -28.26 -8.04 10.62
CA LEU D 43 -29.04 -9.25 10.83
C LEU D 43 -28.11 -10.35 11.32
N VAL D 44 -28.48 -11.00 12.41
CA VAL D 44 -27.65 -12.02 13.04
C VAL D 44 -28.41 -13.33 13.05
N ASP D 45 -27.67 -14.44 12.98
CA ASP D 45 -28.25 -15.76 13.07
C ASP D 45 -28.97 -15.90 14.41
N PRO D 46 -30.13 -16.57 14.45
CA PRO D 46 -30.91 -16.60 15.70
C PRO D 46 -30.14 -17.13 16.90
N ASP D 47 -29.31 -18.15 16.72
CA ASP D 47 -28.43 -18.63 17.78
C ASP D 47 -27.00 -18.67 17.24
N TYR D 48 -26.32 -17.54 17.32
CA TYR D 48 -24.89 -17.47 17.02
C TYR D 48 -24.26 -16.56 18.07
N LEU D 49 -25.10 -16.00 18.93
CA LEU D 49 -24.70 -14.95 19.87
C LEU D 49 -24.77 -15.40 21.33
N LYS D 50 -24.84 -16.71 21.58
CA LYS D 50 -24.90 -17.19 22.95
C LYS D 50 -23.63 -16.79 23.70
N ASP D 51 -23.82 -16.13 24.86
CA ASP D 51 -22.72 -15.63 25.68
C ASP D 51 -21.77 -14.74 24.86
N ARG D 52 -22.36 -13.95 23.97
CA ARG D 52 -21.59 -13.07 23.10
C ARG D 52 -22.42 -11.85 22.75
N LYS D 53 -21.73 -10.79 22.34
CA LYS D 53 -22.36 -9.53 21.97
C LYS D 53 -21.91 -9.11 20.58
N VAL D 54 -22.87 -8.64 19.78
CA VAL D 54 -22.55 -8.17 18.44
C VAL D 54 -21.88 -6.81 18.53
N PHE D 55 -20.82 -6.62 17.73
CA PHE D 55 -20.07 -5.37 17.71
C PHE D 55 -19.94 -4.88 16.28
N VAL D 56 -20.33 -3.62 16.04
CA VAL D 56 -20.18 -2.98 14.75
C VAL D 56 -19.23 -1.80 14.92
N THR D 57 -18.17 -1.78 14.11
CA THR D 57 -17.13 -0.76 14.20
C THR D 57 -16.96 -0.07 12.85
N LEU D 58 -16.93 1.26 12.88
CA LEU D 58 -16.62 2.08 11.72
C LEU D 58 -15.31 2.81 11.95
N THR D 59 -14.37 2.66 11.02
CA THR D 59 -13.06 3.26 11.17
C THR D 59 -12.62 3.85 9.85
N VAL D 60 -11.68 4.80 9.94
CA VAL D 60 -11.10 5.46 8.77
C VAL D 60 -9.65 4.98 8.66
N ALA D 61 -9.31 4.40 7.51
CA ALA D 61 -7.99 3.86 7.26
C ALA D 61 -7.26 4.71 6.23
N PHE D 62 -6.04 5.12 6.56
CA PHE D 62 -5.20 5.91 5.67
C PHE D 62 -3.97 5.07 5.33
N ARG D 63 -4.09 4.27 4.28
CA ARG D 63 -2.96 3.48 3.82
C ARG D 63 -1.89 4.40 3.23
N TYR D 64 -0.65 4.21 3.64
CA TYR D 64 0.45 5.07 3.23
C TYR D 64 1.71 4.30 2.87
N GLY D 65 1.59 3.03 2.50
CA GLY D 65 2.76 2.28 2.11
C GLY D 65 2.54 0.78 2.05
N ARG D 66 3.27 0.10 1.18
CA ARG D 66 3.21 -1.35 1.07
C ARG D 66 4.58 -1.86 0.66
N GLU D 67 5.22 -2.61 1.55
CA GLU D 67 6.55 -3.16 1.29
C GLU D 67 6.56 -4.59 1.79
N ASP D 68 7.74 -5.21 1.78
CA ASP D 68 7.91 -6.60 2.17
C ASP D 68 8.41 -6.77 3.60
N LEU D 69 8.65 -5.68 4.32
CA LEU D 69 9.22 -5.77 5.65
C LEU D 69 9.02 -4.45 6.38
N ASP D 70 8.53 -4.51 7.62
CA ASP D 70 8.48 -3.35 8.50
C ASP D 70 9.81 -3.21 9.21
N VAL D 71 10.40 -2.02 9.14
CA VAL D 71 11.80 -1.88 9.53
C VAL D 71 11.96 -1.98 11.04
N LEU D 72 11.33 -1.09 11.81
CA LEU D 72 11.29 -1.25 13.26
C LEU D 72 9.87 -1.46 13.78
N GLY D 73 8.95 -0.55 13.51
CA GLY D 73 7.59 -0.68 13.99
C GLY D 73 6.57 -0.08 13.05
N LEU D 74 7.03 0.44 11.91
CA LEU D 74 6.17 1.15 10.98
C LEU D 74 5.14 0.18 10.41
N SER D 75 3.87 0.40 10.77
CA SER D 75 2.80 -0.54 10.45
C SER D 75 2.20 -0.34 9.07
N PHE D 76 2.62 0.70 8.34
CA PHE D 76 2.16 1.01 6.99
C PHE D 76 0.66 1.29 6.91
N ARG D 77 0.01 1.52 8.04
CA ARG D 77 -1.43 1.80 8.05
C ARG D 77 -1.77 2.52 9.33
N LYS D 78 -2.22 3.77 9.21
CA LYS D 78 -2.60 4.59 10.34
C LYS D 78 -4.10 4.83 10.33
N ASP D 79 -4.70 4.85 11.52
CA ASP D 79 -6.13 5.06 11.68
C ASP D 79 -6.39 6.47 12.19
N LEU D 80 -7.28 7.19 11.52
CA LEU D 80 -7.60 8.56 11.88
C LEU D 80 -8.80 8.66 12.81
N PHE D 81 -9.80 7.80 12.63
CA PHE D 81 -10.98 7.81 13.48
C PHE D 81 -11.45 6.38 13.69
N ILE D 82 -11.82 6.06 14.93
CA ILE D 82 -12.29 4.73 15.30
C ILE D 82 -13.58 4.88 16.08
N ALA D 83 -14.61 4.15 15.68
CA ALA D 83 -15.91 4.15 16.35
C ALA D 83 -16.36 2.73 16.58
N THR D 84 -17.13 2.53 17.65
CA THR D 84 -17.63 1.21 18.03
C THR D 84 -19.07 1.33 18.49
N TYR D 85 -19.91 0.40 18.03
CA TYR D 85 -21.32 0.33 18.42
C TYR D 85 -21.65 -1.07 18.88
N GLN D 86 -22.47 -1.16 19.94
CA GLN D 86 -22.86 -2.45 20.49
C GLN D 86 -24.18 -2.95 19.91
N ALA D 87 -25.24 -2.17 20.07
CA ALA D 87 -26.58 -2.53 19.61
C ALA D 87 -27.05 -3.86 20.21
N PHE D 88 -26.63 -4.13 21.45
CA PHE D 88 -26.99 -5.34 22.18
C PHE D 88 -26.67 -6.61 21.38
N PRO D 97 -33.32 7.84 19.12
CA PRO D 97 -34.53 7.41 18.42
C PRO D 97 -34.24 6.88 17.02
N PRO D 98 -34.86 5.76 16.64
CA PRO D 98 -34.64 5.22 15.30
C PRO D 98 -35.13 6.18 14.23
N THR D 99 -34.43 6.17 13.09
CA THR D 99 -34.76 7.03 11.97
C THR D 99 -35.87 6.39 11.15
N ARG D 100 -36.23 7.02 10.03
CA ARG D 100 -37.28 6.51 9.17
C ARG D 100 -36.81 5.40 8.24
N LEU D 101 -35.51 5.14 8.18
CA LEU D 101 -34.95 4.11 7.30
C LEU D 101 -34.73 2.78 8.02
N GLN D 102 -34.01 2.79 9.14
CA GLN D 102 -33.74 1.56 9.86
C GLN D 102 -35.00 1.02 10.55
N ASP D 103 -35.97 1.88 10.85
CA ASP D 103 -37.23 1.40 11.41
C ASP D 103 -37.97 0.52 10.41
N ARG D 104 -37.97 0.90 9.14
CA ARG D 104 -38.60 0.09 8.10
C ARG D 104 -37.89 -1.25 7.95
N LEU D 105 -36.56 -1.26 8.07
CA LEU D 105 -35.81 -2.50 7.94
C LEU D 105 -36.15 -3.48 9.05
N LEU D 106 -36.42 -2.97 10.26
CA LEU D 106 -36.79 -3.86 11.36
C LEU D 106 -38.09 -4.60 11.07
N ARG D 107 -39.07 -3.89 10.50
CA ARG D 107 -40.34 -4.54 10.15
C ARG D 107 -40.14 -5.59 9.07
N LYS D 108 -39.31 -5.29 8.07
CA LYS D 108 -39.08 -6.24 6.98
C LYS D 108 -38.32 -7.46 7.47
N LEU D 109 -37.30 -7.27 8.32
CA LEU D 109 -36.47 -8.38 8.74
C LEU D 109 -37.12 -9.18 9.87
N GLY D 110 -37.38 -8.54 11.00
CA GLY D 110 -38.02 -9.19 12.11
C GLY D 110 -37.47 -8.68 13.42
N GLN D 111 -37.59 -9.51 14.46
CA GLN D 111 -37.15 -9.16 15.81
C GLN D 111 -35.70 -9.56 16.08
N HIS D 112 -35.03 -10.20 15.12
CA HIS D 112 -33.64 -10.59 15.27
C HIS D 112 -32.69 -9.56 14.68
N ALA D 113 -33.19 -8.39 14.28
CA ALA D 113 -32.39 -7.35 13.67
C ALA D 113 -32.15 -6.24 14.67
N HIS D 114 -30.91 -5.77 14.75
CA HIS D 114 -30.52 -4.73 15.71
C HIS D 114 -29.97 -3.52 14.95
N PRO D 115 -30.61 -2.37 15.02
CA PRO D 115 -30.08 -1.19 14.31
C PRO D 115 -28.78 -0.70 14.93
N PHE D 116 -27.93 -0.13 14.08
CA PHE D 116 -26.70 0.51 14.52
C PHE D 116 -26.62 1.90 13.90
N PHE D 117 -26.21 2.88 14.70
CA PHE D 117 -26.14 4.27 14.28
C PHE D 117 -24.71 4.77 14.40
N PHE D 118 -24.23 5.44 13.35
CA PHE D 118 -22.89 5.99 13.32
C PHE D 118 -22.93 7.42 12.80
N THR D 119 -22.03 8.25 13.31
CA THR D 119 -21.89 9.62 12.88
C THR D 119 -20.44 9.90 12.50
N ILE D 120 -20.24 10.72 11.47
CA ILE D 120 -18.91 11.07 10.98
C ILE D 120 -18.57 12.46 11.52
N PRO D 121 -17.57 12.59 12.38
CA PRO D 121 -17.21 13.93 12.88
C PRO D 121 -16.58 14.78 11.78
N GLN D 122 -16.62 16.09 12.00
CA GLN D 122 -16.05 17.03 11.04
C GLN D 122 -14.53 16.93 11.03
N ASN D 123 -13.92 17.72 10.14
CA ASN D 123 -12.46 17.76 9.98
C ASN D 123 -11.90 16.37 9.66
N LEU D 124 -12.59 15.65 8.77
CA LEU D 124 -12.15 14.33 8.36
C LEU D 124 -11.93 14.29 6.85
N PRO D 125 -10.95 13.53 6.37
CA PRO D 125 -10.68 13.48 4.94
C PRO D 125 -11.79 12.75 4.19
N SER D 126 -11.91 13.09 2.91
CA SER D 126 -12.85 12.42 2.02
C SER D 126 -12.28 11.09 1.56
N SER D 127 -13.02 10.41 0.69
CA SER D 127 -12.61 9.11 0.16
C SER D 127 -11.72 9.36 -1.06
N VAL D 128 -10.41 9.18 -0.89
CA VAL D 128 -9.43 9.38 -1.95
C VAL D 128 -8.58 8.13 -2.07
N THR D 129 -8.29 7.73 -3.30
CA THR D 129 -7.47 6.56 -3.58
C THR D 129 -6.37 6.92 -4.56
N LEU D 130 -5.16 6.42 -4.29
CA LEU D 130 -4.01 6.66 -5.15
C LEU D 130 -3.80 5.45 -6.05
N GLN D 131 -3.81 5.68 -7.36
CA GLN D 131 -3.66 4.59 -8.30
C GLN D 131 -2.22 4.06 -8.27
N PRO D 132 -2.03 2.76 -8.52
CA PRO D 132 -0.70 2.16 -8.54
C PRO D 132 -0.07 2.15 -9.94
N ALA D 140 -4.54 -0.37 -2.36
CA ALA D 140 -5.20 0.89 -2.66
C ALA D 140 -4.81 1.96 -1.64
N LEU D 141 -3.71 2.66 -1.91
CA LEU D 141 -3.25 3.70 -1.01
C LEU D 141 -4.21 4.89 -1.02
N GLY D 142 -4.41 5.48 0.15
CA GLY D 142 -5.28 6.64 0.30
C GLY D 142 -6.15 6.48 1.52
N VAL D 143 -7.13 7.38 1.64
CA VAL D 143 -8.05 7.39 2.76
C VAL D 143 -9.30 6.59 2.38
N ASP D 144 -9.65 5.63 3.23
CA ASP D 144 -10.81 4.77 2.99
C ASP D 144 -11.64 4.66 4.26
N PHE D 145 -12.95 4.51 4.08
CA PHE D 145 -13.88 4.31 5.17
C PHE D 145 -14.37 2.86 5.13
N GLU D 146 -14.24 2.16 6.26
CA GLU D 146 -14.51 0.73 6.31
C GLU D 146 -15.38 0.42 7.52
N ILE D 147 -16.32 -0.50 7.35
CA ILE D 147 -17.26 -0.91 8.39
C ILE D 147 -17.06 -2.39 8.67
N ARG D 148 -16.87 -2.74 9.94
CA ARG D 148 -16.72 -4.12 10.38
C ARG D 148 -17.86 -4.48 11.31
N ALA D 149 -18.49 -5.62 11.05
CA ALA D 149 -19.56 -6.15 11.89
C ALA D 149 -19.19 -7.55 12.33
N PHE D 150 -19.24 -7.79 13.64
CA PHE D 150 -18.85 -9.09 14.18
C PHE D 150 -19.47 -9.25 15.56
N VAL D 151 -19.50 -10.51 16.02
CA VAL D 151 -19.99 -10.85 17.35
C VAL D 151 -18.90 -11.64 18.07
N ALA D 152 -18.60 -11.23 19.31
CA ALA D 152 -17.56 -11.89 20.09
C ALA D 152 -17.74 -11.50 21.55
N LYS D 153 -17.09 -12.27 22.42
CA LYS D 153 -17.13 -12.01 23.86
C LYS D 153 -16.05 -10.99 24.22
N SER D 154 -16.27 -9.76 23.76
CA SER D 154 -15.33 -8.67 23.99
C SER D 154 -15.93 -7.62 24.91
N HIS D 160 -11.55 -12.99 13.32
CA HIS D 160 -11.20 -13.63 12.07
C HIS D 160 -11.95 -13.00 10.89
N LYS D 161 -11.42 -13.21 9.68
CA LYS D 161 -12.05 -12.66 8.48
C LYS D 161 -13.17 -13.54 7.94
N ARG D 162 -13.34 -14.75 8.47
CA ARG D 162 -14.40 -15.66 8.03
C ARG D 162 -15.66 -15.55 8.87
N ASN D 163 -15.69 -14.67 9.87
CA ASN D 163 -16.86 -14.50 10.72
C ASN D 163 -17.23 -13.02 10.89
N SER D 164 -16.74 -12.15 10.01
CA SER D 164 -17.02 -10.73 10.10
C SER D 164 -17.38 -10.20 8.72
N VAL D 165 -18.12 -9.10 8.70
CA VAL D 165 -18.57 -8.46 7.46
C VAL D 165 -17.68 -7.26 7.19
N ARG D 166 -17.15 -7.19 5.97
CA ARG D 166 -16.28 -6.10 5.54
C ARG D 166 -17.01 -5.26 4.49
N LEU D 167 -17.15 -3.97 4.77
CA LEU D 167 -17.77 -3.03 3.84
C LEU D 167 -16.90 -1.80 3.70
N VAL D 168 -16.96 -1.17 2.53
CA VAL D 168 -16.26 0.07 2.25
C VAL D 168 -17.27 1.10 1.78
N ILE D 169 -17.20 2.31 2.35
CA ILE D 169 -18.10 3.40 2.00
C ILE D 169 -17.26 4.63 1.66
N ARG D 170 -17.88 5.55 0.93
CA ARG D 170 -17.20 6.74 0.44
C ARG D 170 -17.87 7.98 1.00
N LYS D 171 -17.04 8.91 1.49
CA LYS D 171 -17.49 10.22 1.92
C LYS D 171 -17.04 11.22 0.84
N VAL D 172 -18.00 11.82 0.14
CA VAL D 172 -17.71 12.66 -1.00
C VAL D 172 -18.44 13.99 -0.84
N GLN D 173 -17.94 15.00 -1.55
CA GLN D 173 -18.53 16.33 -1.57
C GLN D 173 -18.76 16.74 -3.02
N PHE D 174 -19.79 17.55 -3.23
CA PHE D 174 -20.18 18.00 -4.56
C PHE D 174 -19.96 19.52 -4.68
N ALA D 175 -20.29 20.04 -5.85
CA ALA D 175 -20.05 21.45 -6.13
C ALA D 175 -20.94 22.33 -5.27
N PRO D 176 -20.41 23.37 -4.62
CA PRO D 176 -21.24 24.25 -3.80
C PRO D 176 -22.14 25.14 -4.66
N GLU D 177 -22.93 25.97 -4.00
CA GLU D 177 -23.84 26.89 -4.68
C GLU D 177 -23.25 28.28 -4.89
N LYS D 178 -21.99 28.49 -4.51
CA LYS D 178 -21.34 29.79 -4.66
C LYS D 178 -20.34 29.73 -5.79
N PRO D 179 -20.57 30.41 -6.92
CA PRO D 179 -19.58 30.40 -8.01
C PRO D 179 -18.19 30.85 -7.57
N GLY D 180 -18.11 31.85 -6.70
CA GLY D 180 -16.83 32.34 -6.24
C GLY D 180 -16.27 33.44 -7.13
N PRO D 181 -15.22 34.10 -6.67
CA PRO D 181 -14.60 35.17 -7.47
C PRO D 181 -13.95 34.62 -8.73
N GLN D 182 -13.92 35.46 -9.76
CA GLN D 182 -13.30 35.06 -11.02
C GLN D 182 -11.79 34.97 -10.85
N PRO D 183 -11.18 33.84 -11.23
CA PRO D 183 -9.72 33.73 -11.10
C PRO D 183 -8.99 34.76 -11.95
N SER D 184 -7.89 35.26 -11.42
CA SER D 184 -7.06 36.23 -12.12
C SER D 184 -5.69 36.28 -11.48
N ALA D 185 -4.66 36.34 -12.32
CA ALA D 185 -3.28 36.40 -11.83
C ALA D 185 -2.41 37.00 -12.92
N GLU D 186 -1.55 37.94 -12.55
CA GLU D 186 -0.67 38.62 -13.49
C GLU D 186 0.77 38.59 -12.97
N THR D 187 1.71 38.58 -13.90
CA THR D 187 3.12 38.59 -13.56
C THR D 187 3.89 39.37 -14.61
N THR D 188 5.04 39.90 -14.21
CA THR D 188 5.88 40.68 -15.10
C THR D 188 7.34 40.48 -14.73
N ARG D 189 8.21 40.44 -15.74
CA ARG D 189 9.63 40.27 -15.52
C ARG D 189 10.45 40.85 -16.67
N LEU D 198 8.65 41.64 -20.18
CA LEU D 198 7.57 40.73 -20.54
C LEU D 198 6.44 40.77 -19.52
N HIS D 199 5.21 40.85 -20.00
CA HIS D 199 4.03 40.88 -19.15
C HIS D 199 3.08 39.78 -19.58
N LEU D 200 2.60 38.99 -18.61
CA LEU D 200 1.68 37.90 -18.86
C LEU D 200 0.47 38.03 -17.96
N GLU D 201 -0.72 37.94 -18.55
CA GLU D 201 -1.97 38.00 -17.82
C GLU D 201 -2.84 36.82 -18.21
N ALA D 202 -3.33 36.09 -17.20
CA ALA D 202 -4.23 34.96 -17.42
C ALA D 202 -5.38 35.05 -16.43
N SER D 203 -6.56 34.64 -16.88
CA SER D 203 -7.75 34.72 -16.04
C SER D 203 -8.78 33.73 -16.56
N LEU D 204 -9.07 32.69 -15.77
CA LEU D 204 -10.13 31.76 -16.12
C LEU D 204 -11.49 32.41 -15.95
N ASP D 205 -12.47 31.88 -16.68
CA ASP D 205 -13.81 32.46 -16.66
C ASP D 205 -14.48 32.28 -15.29
N LYS D 206 -14.21 31.16 -14.62
CA LYS D 206 -14.84 30.88 -13.33
C LYS D 206 -13.95 29.91 -12.57
N GLU D 207 -14.41 29.53 -11.37
CA GLU D 207 -13.71 28.58 -10.52
C GLU D 207 -14.34 27.19 -10.57
N LEU D 208 -15.66 27.12 -10.43
CA LEU D 208 -16.35 25.83 -10.35
C LEU D 208 -16.38 25.17 -11.73
N TYR D 209 -15.61 24.10 -11.88
CA TYR D 209 -15.57 23.31 -13.10
C TYR D 209 -16.03 21.89 -12.81
N TYR D 210 -16.94 21.39 -13.63
CA TYR D 210 -17.40 20.02 -13.49
C TYR D 210 -16.38 19.05 -14.08
N HIS D 211 -16.49 17.79 -13.69
CA HIS D 211 -15.59 16.77 -14.21
C HIS D 211 -15.85 16.55 -15.69
N GLY D 212 -14.80 16.66 -16.50
CA GLY D 212 -14.92 16.55 -17.94
C GLY D 212 -15.21 17.85 -18.66
N GLU D 213 -15.48 18.93 -17.93
CA GLU D 213 -15.75 20.21 -18.56
C GLU D 213 -14.45 20.87 -19.00
N PRO D 214 -14.32 21.26 -20.27
CA PRO D 214 -13.10 21.92 -20.72
C PRO D 214 -12.90 23.26 -20.02
N LEU D 215 -11.62 23.61 -19.84
CA LEU D 215 -11.25 24.87 -19.19
C LEU D 215 -10.93 25.90 -20.26
N ASN D 216 -11.63 27.03 -20.22
CA ASN D 216 -11.41 28.14 -21.13
C ASN D 216 -10.56 29.18 -20.42
N VAL D 217 -9.32 29.35 -20.87
CA VAL D 217 -8.38 30.30 -20.28
C VAL D 217 -7.95 31.29 -21.36
N ASN D 218 -7.88 32.56 -20.98
CA ASN D 218 -7.46 33.63 -21.88
C ASN D 218 -6.13 34.19 -21.40
N VAL D 219 -5.16 34.27 -22.32
CA VAL D 219 -3.83 34.77 -22.01
C VAL D 219 -3.56 35.99 -22.88
N HIS D 220 -3.09 37.06 -22.24
CA HIS D 220 -2.74 38.29 -22.93
C HIS D 220 -1.30 38.65 -22.60
N VAL D 221 -0.51 38.96 -23.63
CA VAL D 221 0.90 39.28 -23.49
C VAL D 221 1.18 40.59 -24.19
N THR D 222 2.24 41.27 -23.74
CA THR D 222 2.69 42.52 -24.35
C THR D 222 4.04 42.40 -25.03
N ASN D 223 4.99 41.69 -24.42
CA ASN D 223 6.33 41.49 -24.97
C ASN D 223 6.99 42.85 -25.28
N ASN D 224 7.26 43.57 -24.19
CA ASN D 224 7.75 44.94 -24.28
C ASN D 224 8.92 45.06 -25.25
N SER D 225 10.04 44.39 -24.95
CA SER D 225 11.22 44.47 -25.80
C SER D 225 12.23 43.43 -25.35
N THR D 226 13.23 43.20 -26.21
CA THR D 226 14.42 42.41 -25.91
C THR D 226 14.09 40.97 -25.50
N LYS D 227 12.97 40.43 -25.98
CA LYS D 227 12.65 39.04 -25.72
C LYS D 227 11.68 38.55 -26.79
N THR D 228 11.74 37.26 -27.08
CA THR D 228 10.84 36.66 -28.08
C THR D 228 10.52 35.24 -27.61
N VAL D 229 9.23 34.99 -27.35
CA VAL D 229 8.80 33.69 -26.86
C VAL D 229 8.77 32.69 -28.01
N LYS D 230 9.45 31.55 -27.82
CA LYS D 230 9.47 30.51 -28.84
C LYS D 230 8.16 29.75 -28.90
N LYS D 231 7.57 29.44 -27.75
CA LYS D 231 6.35 28.65 -27.68
C LYS D 231 5.48 29.12 -26.53
N ILE D 232 4.21 28.74 -26.57
CA ILE D 232 3.25 29.04 -25.52
C ILE D 232 2.87 27.72 -24.85
N LYS D 233 3.11 27.62 -23.55
CA LYS D 233 2.88 26.40 -22.81
C LYS D 233 1.80 26.63 -21.75
N VAL D 234 0.74 25.84 -21.80
CA VAL D 234 -0.32 25.84 -20.80
C VAL D 234 -0.49 24.43 -20.30
N SER D 235 -0.40 24.24 -18.98
CA SER D 235 -0.49 22.92 -18.38
C SER D 235 -1.35 22.99 -17.12
N VAL D 236 -1.95 21.85 -16.77
CA VAL D 236 -2.76 21.70 -15.57
C VAL D 236 -2.09 20.66 -14.69
N ARG D 237 -1.77 21.03 -13.45
CA ARG D 237 -1.12 20.14 -12.50
C ARG D 237 -2.00 19.95 -11.28
N GLN D 238 -1.91 18.76 -10.70
CA GLN D 238 -2.70 18.40 -9.52
C GLN D 238 -1.81 18.45 -8.29
N TYR D 239 -2.23 19.22 -7.28
CA TYR D 239 -1.49 19.34 -6.03
C TYR D 239 -2.30 18.64 -4.94
N ALA D 240 -1.67 17.65 -4.30
CA ALA D 240 -2.31 16.91 -3.22
C ALA D 240 -1.54 17.17 -1.93
N ASP D 241 -2.25 17.60 -0.89
CA ASP D 241 -1.66 17.94 0.40
C ASP D 241 -1.81 16.73 1.32
N ILE D 242 -0.77 15.88 1.34
CA ILE D 242 -0.74 14.71 2.20
C ILE D 242 0.09 15.04 3.43
N VAL D 243 -0.45 14.74 4.61
CA VAL D 243 0.24 15.00 5.87
C VAL D 243 -0.06 13.87 6.85
N LEU D 244 0.98 13.30 7.41
CA LEU D 244 0.91 12.35 8.52
C LEU D 244 1.85 12.73 9.66
N PHE D 245 3.04 13.22 9.34
CA PHE D 245 3.97 13.72 10.34
C PHE D 245 4.48 15.09 9.93
N SER D 246 4.46 15.36 8.62
CA SER D 246 4.87 16.65 8.08
C SER D 246 4.11 16.90 6.79
N THR D 247 4.04 18.18 6.42
CA THR D 247 3.31 18.56 5.21
C THR D 247 4.12 18.20 3.97
N ALA D 248 3.45 17.62 2.99
CA ALA D 248 4.08 17.23 1.73
C ALA D 248 3.23 17.71 0.56
N GLN D 249 3.90 17.97 -0.57
CA GLN D 249 3.25 18.48 -1.76
C GLN D 249 3.56 17.58 -2.94
N TYR D 250 2.62 17.49 -3.88
CA TYR D 250 2.77 16.70 -5.09
C TYR D 250 2.76 17.62 -6.31
N LYS D 251 3.64 17.33 -7.27
CA LYS D 251 3.69 18.04 -8.54
C LYS D 251 3.46 16.99 -9.63
N VAL D 252 2.19 16.73 -9.93
CA VAL D 252 1.80 15.71 -10.88
C VAL D 252 0.98 16.38 -11.99
N PRO D 253 1.61 16.70 -13.12
CA PRO D 253 0.84 17.29 -14.24
C PRO D 253 -0.22 16.32 -14.74
N VAL D 254 -1.37 16.88 -15.11
CA VAL D 254 -2.50 16.12 -15.62
C VAL D 254 -2.63 16.26 -17.13
N ALA D 255 -2.82 17.48 -17.62
CA ALA D 255 -2.90 17.75 -19.05
C ALA D 255 -1.91 18.84 -19.41
N GLN D 256 -1.21 18.65 -20.52
CA GLN D 256 -0.21 19.60 -21.00
C GLN D 256 -0.53 19.98 -22.43
N LEU D 257 -0.53 21.28 -22.70
CA LEU D 257 -0.81 21.82 -24.03
C LEU D 257 0.37 22.64 -24.50
N GLU D 258 0.80 22.41 -25.74
CA GLU D 258 1.93 23.12 -26.33
C GLU D 258 1.45 23.88 -27.56
N GLN D 259 1.84 25.14 -27.67
CA GLN D 259 1.47 26.00 -28.78
C GLN D 259 2.73 26.49 -29.49
N ASP D 260 2.69 26.49 -30.82
CA ASP D 260 3.82 26.90 -31.64
C ASP D 260 3.81 28.38 -31.98
N ASP D 261 2.83 29.14 -31.45
CA ASP D 261 2.75 30.56 -31.75
C ASP D 261 3.94 31.31 -31.14
N GLN D 262 4.46 32.28 -31.89
CA GLN D 262 5.58 33.10 -31.45
C GLN D 262 5.17 34.57 -31.50
N VAL D 263 5.61 35.32 -30.50
CA VAL D 263 5.28 36.74 -30.36
C VAL D 263 6.56 37.54 -30.49
N SER D 264 6.55 38.52 -31.40
CA SER D 264 7.68 39.40 -31.62
C SER D 264 7.63 40.60 -30.69
N PRO D 265 8.77 41.24 -30.43
CA PRO D 265 8.78 42.42 -29.56
C PRO D 265 7.83 43.50 -30.05
N SER D 266 7.21 44.18 -29.09
CA SER D 266 6.29 45.29 -29.35
C SER D 266 5.08 44.84 -30.18
N SER D 267 4.62 43.62 -29.91
CA SER D 267 3.43 43.08 -30.55
C SER D 267 2.56 42.42 -29.49
N THR D 268 1.26 42.73 -29.51
CA THR D 268 0.31 42.16 -28.57
C THR D 268 -0.32 40.90 -29.15
N PHE D 269 -0.60 39.93 -28.27
CA PHE D 269 -1.15 38.64 -28.69
C PHE D 269 -2.18 38.20 -27.67
N SER D 270 -3.42 38.01 -28.11
CA SER D 270 -4.50 37.50 -27.28
C SER D 270 -5.05 36.23 -27.90
N LYS D 271 -5.19 35.19 -27.08
CA LYS D 271 -5.67 33.90 -27.55
C LYS D 271 -6.28 33.14 -26.40
N VAL D 272 -7.33 32.36 -26.70
CA VAL D 272 -8.03 31.55 -25.71
C VAL D 272 -7.71 30.09 -25.99
N TYR D 273 -7.22 29.39 -24.97
CA TYR D 273 -6.84 27.99 -25.07
C TYR D 273 -7.84 27.12 -24.34
N THR D 274 -8.01 25.89 -24.82
CA THR D 274 -8.94 24.92 -24.25
C THR D 274 -8.15 23.70 -23.77
N ILE D 275 -8.23 23.42 -22.47
CA ILE D 275 -7.57 22.27 -21.87
C ILE D 275 -8.56 21.60 -20.93
N THR D 276 -8.52 20.26 -20.90
CA THR D 276 -9.44 19.52 -20.03
C THR D 276 -8.76 18.29 -19.44
N PRO D 277 -8.77 18.16 -18.11
CA PRO D 277 -8.26 16.93 -17.49
C PRO D 277 -9.09 15.72 -17.89
N LEU D 278 -8.42 14.59 -18.07
CA LEU D 278 -9.09 13.35 -18.41
C LEU D 278 -8.19 12.19 -18.05
N LEU D 279 -8.80 11.06 -17.70
CA LEU D 279 -8.07 9.85 -17.31
C LEU D 279 -7.83 8.93 -18.50
N SER D 280 -7.24 9.48 -19.56
CA SER D 280 -6.89 8.72 -20.75
C SER D 280 -5.38 8.62 -20.95
N ASP D 281 -4.69 9.76 -20.98
CA ASP D 281 -3.24 9.79 -21.07
C ASP D 281 -2.56 9.86 -19.72
N ASN D 282 -3.32 9.90 -18.64
CA ASN D 282 -2.78 9.97 -17.29
C ASN D 282 -2.62 8.59 -16.64
N ARG D 283 -2.91 7.52 -17.36
CA ARG D 283 -2.74 6.18 -16.80
C ARG D 283 -1.25 5.86 -16.67
N GLU D 284 -0.97 4.83 -15.87
CA GLU D 284 0.37 4.38 -15.53
C GLU D 284 1.17 5.42 -14.75
N LYS D 285 0.50 6.45 -14.21
CA LYS D 285 1.14 7.47 -13.38
C LYS D 285 0.89 7.10 -11.92
N ARG D 286 1.90 6.49 -11.28
CA ARG D 286 1.77 6.10 -9.89
C ARG D 286 1.60 7.33 -9.00
N GLY D 287 0.71 7.24 -8.03
CA GLY D 287 0.48 8.31 -7.08
C GLY D 287 -0.55 9.34 -7.51
N LEU D 288 -1.14 9.19 -8.69
CA LEU D 288 -2.18 10.12 -9.13
C LEU D 288 -3.39 10.05 -8.21
N ALA D 289 -3.91 11.20 -7.82
CA ALA D 289 -5.03 11.28 -6.89
C ALA D 289 -6.32 10.95 -7.62
N LEU D 290 -7.00 9.89 -7.18
CA LEU D 290 -8.26 9.46 -7.77
C LEU D 290 -9.32 9.37 -6.68
N ASP D 291 -10.58 9.34 -7.10
CA ASP D 291 -11.67 9.19 -6.16
C ASP D 291 -11.67 7.81 -5.54
N GLY D 292 -12.41 7.68 -4.43
CA GLY D 292 -12.48 6.43 -3.71
C GLY D 292 -12.95 5.25 -4.53
N LYS D 293 -12.22 4.15 -4.45
CA LYS D 293 -12.56 2.92 -5.17
C LYS D 293 -13.10 1.90 -4.18
N LEU D 294 -14.25 1.31 -4.53
CA LEU D 294 -14.86 0.32 -3.64
C LEU D 294 -14.16 -1.02 -3.76
N LYS D 295 -14.16 -1.61 -4.95
CA LYS D 295 -13.46 -2.88 -5.18
C LYS D 295 -12.98 -2.90 -6.63
N HIS D 296 -11.74 -2.44 -6.83
CA HIS D 296 -11.07 -2.50 -8.13
C HIS D 296 -11.92 -1.89 -9.24
N GLU D 297 -12.56 -0.75 -8.93
CA GLU D 297 -13.42 -0.08 -9.90
C GLU D 297 -12.63 0.97 -10.66
N ASP D 298 -13.31 1.69 -11.54
CA ASP D 298 -12.73 2.78 -12.31
C ASP D 298 -13.32 4.09 -11.82
N THR D 299 -12.46 5.00 -11.37
CA THR D 299 -12.89 6.30 -10.86
C THR D 299 -12.08 7.40 -11.54
N ASN D 300 -12.69 8.57 -11.63
CA ASN D 300 -12.06 9.71 -12.29
C ASN D 300 -11.06 10.37 -11.33
N LEU D 301 -10.57 11.55 -11.71
CA LEU D 301 -9.63 12.28 -10.87
C LEU D 301 -10.29 12.71 -9.57
N ALA D 302 -9.50 12.76 -8.50
CA ALA D 302 -10.02 13.14 -7.20
C ALA D 302 -10.52 14.58 -7.22
N SER D 303 -11.69 14.79 -6.63
CA SER D 303 -12.27 16.13 -6.57
C SER D 303 -11.51 17.00 -5.60
N SER D 304 -11.55 18.31 -5.84
CA SER D 304 -10.87 19.25 -4.97
C SER D 304 -11.51 19.27 -3.59
N THR D 305 -10.67 19.32 -2.56
CA THR D 305 -11.14 19.33 -1.18
C THR D 305 -11.34 20.76 -0.71
N ILE D 306 -12.51 21.05 -0.15
CA ILE D 306 -12.85 22.39 0.33
C ILE D 306 -13.13 22.30 1.83
N VAL D 307 -12.60 23.27 2.58
CA VAL D 307 -12.79 23.31 4.02
C VAL D 307 -13.52 24.58 4.42
N VAL D 315 -5.87 19.31 8.49
CA VAL D 315 -6.25 18.03 9.10
C VAL D 315 -5.37 16.92 8.56
N LEU D 316 -5.31 15.80 9.30
CA LEU D 316 -4.50 14.66 8.90
C LEU D 316 -5.22 13.89 7.80
N GLY D 317 -4.62 13.82 6.62
CA GLY D 317 -5.23 13.14 5.49
C GLY D 317 -4.63 13.64 4.19
N ILE D 318 -5.44 13.57 3.13
CA ILE D 318 -5.05 14.02 1.80
C ILE D 318 -6.01 15.11 1.36
N LEU D 319 -5.46 16.27 1.01
CA LEU D 319 -6.23 17.39 0.48
C LEU D 319 -5.79 17.64 -0.96
N VAL D 320 -6.74 17.61 -1.88
CA VAL D 320 -6.46 17.70 -3.31
C VAL D 320 -6.83 19.09 -3.81
N SER D 321 -5.91 19.72 -4.54
CA SER D 321 -6.14 21.02 -5.14
C SER D 321 -5.64 21.00 -6.58
N TYR D 322 -6.23 21.86 -7.41
CA TYR D 322 -5.90 21.94 -8.82
C TYR D 322 -5.45 23.34 -9.18
N ARG D 323 -4.45 23.42 -10.06
CA ARG D 323 -3.93 24.70 -10.53
C ARG D 323 -3.67 24.61 -12.03
N VAL D 324 -3.66 25.77 -12.68
CA VAL D 324 -3.36 25.89 -14.09
C VAL D 324 -2.09 26.72 -14.24
N LYS D 325 -1.10 26.16 -14.92
CA LYS D 325 0.20 26.80 -15.09
C LYS D 325 0.39 27.23 -16.53
N VAL D 326 0.72 28.49 -16.73
CA VAL D 326 1.01 29.05 -18.05
C VAL D 326 2.45 29.55 -18.03
N LYS D 327 3.26 29.06 -18.96
CA LYS D 327 4.68 29.40 -19.04
C LYS D 327 5.01 29.96 -20.42
N LEU D 328 5.85 30.98 -20.45
CA LEU D 328 6.28 31.62 -21.68
C LEU D 328 7.76 31.34 -21.90
N VAL D 329 8.10 30.83 -23.07
CA VAL D 329 9.49 30.50 -23.40
C VAL D 329 9.90 31.21 -24.68
N ASP D 335 11.90 32.97 -18.24
CA ASP D 335 10.53 32.48 -18.35
C ASP D 335 9.67 32.98 -17.18
N VAL D 336 8.38 33.14 -17.43
CA VAL D 336 7.42 33.60 -16.43
C VAL D 336 6.34 32.55 -16.27
N SER D 337 5.98 32.24 -15.02
CA SER D 337 4.98 31.23 -14.71
C SER D 337 3.84 31.88 -13.93
N VAL D 338 2.62 31.57 -14.33
CA VAL D 338 1.41 32.08 -13.68
C VAL D 338 0.55 30.89 -13.28
N GLU D 339 0.15 30.86 -12.01
CA GLU D 339 -0.66 29.78 -11.47
C GLU D 339 -2.08 30.29 -11.24
N LEU D 340 -3.07 29.55 -11.75
CA LEU D 340 -4.48 29.91 -11.64
C LEU D 340 -5.21 28.77 -10.93
N PRO D 341 -5.39 28.84 -9.62
CA PRO D 341 -6.14 27.80 -8.92
C PRO D 341 -7.60 27.76 -9.33
N PHE D 342 -8.18 26.57 -9.29
CA PHE D 342 -9.59 26.38 -9.61
C PHE D 342 -10.09 25.15 -8.89
N VAL D 343 -11.42 25.06 -8.80
CA VAL D 343 -12.09 23.98 -8.06
C VAL D 343 -12.75 23.04 -9.06
N LEU D 344 -12.48 21.74 -8.91
CA LEU D 344 -13.03 20.71 -9.78
C LEU D 344 -13.88 19.77 -8.93
N MET D 345 -15.20 19.91 -9.01
CA MET D 345 -16.13 19.12 -8.22
C MET D 345 -17.27 18.60 -9.09
N HIS D 346 -17.84 17.47 -8.67
CA HIS D 346 -19.01 16.94 -9.33
C HIS D 346 -20.23 17.80 -9.03
N PRO D 347 -21.19 17.88 -9.96
CA PRO D 347 -22.45 18.58 -9.67
C PRO D 347 -23.30 17.78 -8.69
N LYS D 348 -24.26 18.46 -8.09
CA LYS D 348 -25.15 17.82 -7.14
C LYS D 348 -26.06 16.83 -7.85
N PRO D 349 -26.03 15.55 -7.49
CA PRO D 349 -26.86 14.57 -8.19
C PRO D 349 -28.26 14.45 -7.57
N LYS D 350 -29.18 13.94 -8.39
CA LYS D 350 -30.54 13.68 -7.96
C LYS D 350 -30.77 12.23 -7.56
N GLU D 351 -29.73 11.40 -7.59
CA GLU D 351 -29.85 10.00 -7.22
C GLU D 351 -28.50 9.51 -6.71
N GLU D 352 -28.54 8.38 -6.02
CA GLU D 352 -27.31 7.80 -5.48
C GLU D 352 -26.39 7.37 -6.62
N PRO D 353 -25.11 7.76 -6.59
CA PRO D 353 -24.21 7.36 -7.66
C PRO D 353 -23.98 5.85 -7.64
N PRO D 354 -23.71 5.25 -8.80
CA PRO D 354 -23.53 3.80 -8.84
C PRO D 354 -22.27 3.37 -8.10
N HIS D 355 -22.30 2.12 -7.63
CA HIS D 355 -21.18 1.55 -6.89
C HIS D 355 -20.07 1.04 -7.79
N ARG D 356 -20.23 1.13 -9.10
CA ARG D 356 -19.20 0.74 -10.05
C ARG D 356 -19.49 1.44 -11.37
N GLU D 357 -18.60 1.24 -12.34
CA GLU D 357 -18.84 1.77 -13.68
C GLU D 357 -20.10 1.16 -14.26
N VAL D 358 -20.94 2.01 -14.86
CA VAL D 358 -22.22 1.53 -15.40
C VAL D 358 -22.01 0.44 -16.44
N PRO D 359 -21.11 0.57 -17.42
CA PRO D 359 -20.80 -0.58 -18.29
C PRO D 359 -19.80 -1.50 -17.61
N GLU D 360 -20.20 -2.74 -17.38
CA GLU D 360 -19.35 -3.75 -16.76
C GLU D 360 -18.69 -4.62 -17.84
N ASN D 361 -17.37 -4.78 -17.74
CA ASN D 361 -16.61 -5.65 -18.63
C ASN D 361 -16.80 -5.28 -20.10
N ASP E 83 65.06 -22.15 17.81
CA ASP E 83 65.50 -20.76 17.81
C ASP E 83 65.61 -20.21 19.23
N TYR E 84 64.70 -20.67 20.10
CA TYR E 84 64.66 -20.28 21.51
C TYR E 84 64.51 -18.76 21.64
N TYR E 85 63.36 -18.28 21.17
CA TYR E 85 63.02 -16.86 21.22
C TYR E 85 62.26 -16.51 22.51
N SER E 86 62.52 -17.24 23.60
CA SER E 86 61.85 -16.98 24.86
C SER E 86 62.13 -15.56 25.33
N LEU E 87 61.09 -14.88 25.81
CA LEU E 87 61.16 -13.49 26.24
C LEU E 87 60.51 -13.36 27.61
N GLU E 88 60.95 -14.21 28.54
CA GLU E 88 60.36 -14.24 29.87
C GLU E 88 60.67 -12.96 30.65
N SER E 89 59.79 -12.64 31.59
CA SER E 89 59.91 -11.46 32.42
C SER E 89 59.17 -11.71 33.73
N ASP E 90 58.98 -10.65 34.52
CA ASP E 90 58.29 -10.73 35.80
C ASP E 90 57.12 -9.77 35.77
N LEU E 91 55.91 -10.30 35.60
CA LEU E 91 54.71 -9.48 35.57
C LEU E 91 53.51 -10.26 36.11
N GLY E 98 38.38 -17.00 37.02
CA GLY E 98 37.58 -15.91 37.53
C GLY E 98 36.15 -15.92 37.01
N VAL E 99 35.22 -15.45 37.85
CA VAL E 99 33.82 -15.41 37.44
C VAL E 99 33.61 -14.41 36.30
N VAL E 100 34.37 -13.30 36.30
CA VAL E 100 34.23 -12.31 35.23
C VAL E 100 34.70 -12.87 33.90
N HIS E 101 35.65 -13.81 33.92
CA HIS E 101 36.09 -14.44 32.68
C HIS E 101 35.10 -15.47 32.17
N TRP E 102 34.42 -16.18 33.07
CA TRP E 102 33.50 -17.23 32.66
C TRP E 102 32.22 -16.66 32.05
N VAL E 103 31.74 -15.53 32.59
CA VAL E 103 30.51 -14.94 32.05
C VAL E 103 30.74 -14.44 30.64
N SER E 104 31.95 -14.00 30.31
CA SER E 104 32.24 -13.61 28.93
C SER E 104 32.12 -14.81 28.00
N LEU E 105 32.64 -15.97 28.41
CA LEU E 105 32.49 -17.17 27.60
C LEU E 105 31.03 -17.59 27.48
N VAL E 106 30.27 -17.43 28.55
CA VAL E 106 28.83 -17.75 28.50
C VAL E 106 28.13 -16.85 27.50
N LEU E 107 28.44 -15.55 27.52
CA LEU E 107 27.84 -14.63 26.56
C LEU E 107 28.26 -14.98 25.14
N TYR E 108 29.53 -15.33 24.94
CA TYR E 108 30.00 -15.74 23.62
C TYR E 108 29.22 -16.94 23.11
N CYS E 109 29.08 -17.98 23.95
CA CYS E 109 28.38 -19.19 23.53
C CYS E 109 26.91 -18.90 23.26
N LEU E 110 26.28 -18.06 24.09
CA LEU E 110 24.87 -17.75 23.90
C LEU E 110 24.66 -16.99 22.58
N ALA E 111 25.54 -16.02 22.29
CA ALA E 111 25.43 -15.28 21.05
C ALA E 111 25.66 -16.18 19.85
N PHE E 112 26.61 -17.11 19.96
CA PHE E 112 26.83 -18.06 18.87
C PHE E 112 25.62 -18.96 18.67
N VAL E 113 24.98 -19.39 19.76
CA VAL E 113 23.82 -20.26 19.66
C VAL E 113 22.65 -19.53 18.98
N LEU E 114 22.39 -18.29 19.38
CA LEU E 114 21.25 -17.58 18.79
C LEU E 114 21.60 -16.88 17.48
N GLY E 115 22.83 -16.42 17.32
CA GLY E 115 23.16 -15.57 16.19
C GLY E 115 23.07 -16.26 14.84
N ILE E 116 23.61 -17.48 14.74
CA ILE E 116 23.65 -18.16 13.45
C ILE E 116 22.26 -18.47 12.90
N PRO E 117 21.33 -19.08 13.65
CA PRO E 117 20.01 -19.35 13.07
C PRO E 117 19.27 -18.10 12.64
N GLY E 118 19.30 -17.03 13.44
CA GLY E 118 18.61 -15.81 13.06
C GLY E 118 19.19 -15.17 11.82
N ASN E 119 20.52 -15.09 11.73
CA ASN E 119 21.15 -14.53 10.55
C ASN E 119 20.86 -15.38 9.32
N ALA E 120 20.89 -16.70 9.47
CA ALA E 120 20.58 -17.58 8.34
C ALA E 120 19.14 -17.38 7.87
N ILE E 121 18.19 -17.28 8.81
CA ILE E 121 16.79 -17.07 8.45
C ILE E 121 16.62 -15.74 7.74
N VAL E 122 17.27 -14.68 8.24
CA VAL E 122 17.19 -13.37 7.60
C VAL E 122 17.77 -13.43 6.20
N ILE E 123 18.90 -14.14 6.03
CA ILE E 123 19.53 -14.23 4.72
C ILE E 123 18.62 -14.96 3.73
N TRP E 124 18.02 -16.08 4.16
CA TRP E 124 17.28 -16.92 3.24
C TRP E 124 16.08 -16.20 2.65
N PHE E 125 15.33 -15.46 3.47
CA PHE E 125 14.10 -14.85 2.99
C PHE E 125 14.35 -13.50 2.31
N THR E 126 15.17 -12.64 2.93
CA THR E 126 15.46 -11.35 2.32
C THR E 126 16.21 -11.51 1.01
N GLY E 127 17.20 -12.39 0.97
CA GLY E 127 18.00 -12.56 -0.23
C GLY E 127 17.23 -13.20 -1.37
N PHE E 128 16.43 -14.22 -1.07
CA PHE E 128 15.80 -15.03 -2.10
C PHE E 128 14.28 -14.92 -2.10
N LYS E 129 13.64 -15.06 -0.95
CA LYS E 129 12.17 -15.14 -0.92
C LYS E 129 11.52 -13.77 -1.09
N TRP E 130 11.86 -12.82 -0.21
CA TRP E 130 11.21 -11.52 -0.25
C TRP E 130 11.68 -10.71 -1.46
N LYS E 131 10.89 -9.71 -1.81
CA LYS E 131 11.21 -8.86 -2.95
C LYS E 131 12.44 -8.01 -2.67
N LYS E 132 13.15 -7.64 -3.74
CA LYS E 132 14.37 -6.86 -3.64
C LYS E 132 14.02 -5.38 -3.59
N THR E 133 14.02 -4.82 -2.39
CA THR E 133 13.85 -3.38 -2.18
C THR E 133 15.06 -2.83 -1.43
N VAL E 134 15.03 -1.53 -1.16
CA VAL E 134 16.15 -0.88 -0.49
C VAL E 134 16.32 -1.44 0.92
N THR E 135 15.22 -1.54 1.67
CA THR E 135 15.29 -2.07 3.03
C THR E 135 15.74 -3.52 3.03
N THR E 136 15.21 -4.32 2.09
CA THR E 136 15.60 -5.73 2.00
C THR E 136 17.08 -5.87 1.68
N LEU E 137 17.59 -5.07 0.74
CA LEU E 137 19.01 -5.15 0.40
C LEU E 137 19.89 -4.73 1.57
N TRP E 138 19.50 -3.65 2.27
CA TRP E 138 20.30 -3.20 3.40
C TRP E 138 20.33 -4.26 4.51
N PHE E 139 19.18 -4.86 4.81
CA PHE E 139 19.15 -5.89 5.84
C PHE E 139 19.89 -7.14 5.39
N LEU E 140 19.85 -7.48 4.10
CA LEU E 140 20.61 -8.61 3.61
C LEU E 140 22.10 -8.39 3.77
N ASN E 141 22.58 -7.18 3.44
CA ASN E 141 24.01 -6.89 3.61
C ASN E 141 24.41 -6.90 5.07
N LEU E 142 23.56 -6.33 5.95
CA LEU E 142 23.84 -6.37 7.37
C LEU E 142 23.91 -7.80 7.89
N ALA E 143 22.99 -8.66 7.42
CA ALA E 143 22.99 -10.05 7.83
C ALA E 143 24.21 -10.79 7.31
N ILE E 144 24.67 -10.46 6.10
CA ILE E 144 25.90 -11.04 5.58
C ILE E 144 27.08 -10.68 6.46
N ALA E 145 27.17 -9.40 6.83
CA ALA E 145 28.26 -8.96 7.71
C ALA E 145 28.21 -9.67 9.05
N ASP E 146 27.02 -9.77 9.64
CA ASP E 146 26.88 -10.45 10.93
C ASP E 146 27.22 -11.93 10.81
N PHE E 147 26.81 -12.56 9.72
CA PHE E 147 27.09 -13.98 9.52
C PHE E 147 28.59 -14.24 9.40
N ILE E 148 29.31 -13.41 8.64
CA ILE E 148 30.76 -13.56 8.54
C ILE E 148 31.42 -13.31 9.89
N PHE E 149 30.93 -12.31 10.63
CA PHE E 149 31.50 -11.96 11.92
C PHE E 149 31.32 -13.12 12.91
N LEU E 150 30.14 -13.73 12.94
CA LEU E 150 29.91 -14.87 13.82
C LEU E 150 30.53 -16.16 13.29
N LEU E 151 30.86 -16.22 12.00
CA LEU E 151 31.60 -17.36 11.47
C LEU E 151 33.08 -17.30 11.83
N PHE E 152 33.61 -16.09 12.00
CA PHE E 152 34.97 -15.94 12.52
C PHE E 152 35.00 -15.79 14.04
N LEU E 153 33.84 -15.78 14.69
CA LEU E 153 33.77 -15.89 16.15
C LEU E 153 34.54 -17.06 16.77
N PRO E 154 34.39 -18.32 16.33
CA PRO E 154 34.99 -19.42 17.10
C PRO E 154 36.51 -19.39 17.16
N LEU E 155 37.18 -18.76 16.19
CA LEU E 155 38.61 -18.53 16.34
C LEU E 155 38.89 -17.66 17.55
N TYR E 156 38.11 -16.59 17.72
CA TYR E 156 38.26 -15.75 18.91
C TYR E 156 37.88 -16.50 20.17
N ILE E 157 36.91 -17.41 20.09
CA ILE E 157 36.55 -18.22 21.26
C ILE E 157 37.73 -19.07 21.69
N SER E 158 38.39 -19.74 20.73
CA SER E 158 39.56 -20.53 21.05
C SER E 158 40.69 -19.64 21.58
N TYR E 159 40.80 -18.42 21.04
CA TYR E 159 41.82 -17.49 21.51
C TYR E 159 41.60 -17.10 22.97
N VAL E 160 40.35 -16.81 23.34
CA VAL E 160 40.08 -16.23 24.66
C VAL E 160 39.87 -17.30 25.75
N ALA E 161 39.47 -18.51 25.38
CA ALA E 161 39.06 -19.49 26.37
C ALA E 161 40.22 -20.26 26.98
N MET E 162 41.44 -19.99 26.51
CA MET E 162 42.63 -20.75 26.98
C MET E 162 43.75 -19.80 27.45
N ASN E 163 43.38 -18.68 28.07
CA ASN E 163 44.40 -17.71 28.61
C ASN E 163 45.31 -17.20 27.48
N PHE E 164 44.74 -16.92 26.31
CA PHE E 164 45.53 -16.28 25.21
C PHE E 164 46.77 -17.02 24.75
N HIS E 165 46.59 -18.18 24.12
CA HIS E 165 47.69 -18.93 23.52
C HIS E 165 47.48 -19.18 22.02
N TRP E 166 47.17 -18.12 21.27
CA TRP E 166 46.68 -18.18 19.90
C TRP E 166 47.44 -19.18 19.05
N PRO E 167 46.85 -20.36 18.78
CA PRO E 167 47.57 -21.40 18.05
C PRO E 167 47.32 -21.40 16.55
N PHE E 168 47.52 -20.26 15.89
CA PHE E 168 47.25 -20.20 14.45
C PHE E 168 48.41 -19.56 13.70
N GLY E 169 49.14 -18.66 14.35
CA GLY E 169 50.31 -18.06 13.74
C GLY E 169 50.15 -16.59 13.45
N ILE E 170 50.74 -16.13 12.34
CA ILE E 170 50.72 -14.73 11.97
C ILE E 170 49.84 -14.45 10.76
N TRP E 171 49.61 -15.43 9.89
CA TRP E 171 48.82 -15.22 8.69
C TRP E 171 47.32 -15.35 8.93
N LEU E 172 46.89 -15.68 10.15
CA LEU E 172 45.48 -15.84 10.46
C LEU E 172 44.94 -14.79 11.42
N CYS E 173 45.74 -14.37 12.40
CA CYS E 173 45.28 -13.36 13.35
C CYS E 173 45.00 -12.04 12.65
N LYS E 174 45.89 -11.62 11.75
CA LYS E 174 45.68 -10.36 11.02
C LYS E 174 44.42 -10.44 10.17
N ALA E 175 44.22 -11.55 9.46
CA ALA E 175 43.03 -11.69 8.63
C ALA E 175 41.77 -11.69 9.46
N ASN E 176 41.78 -12.40 10.59
CA ASN E 176 40.60 -12.45 11.46
C ASN E 176 40.28 -11.06 12.02
N SER E 177 41.30 -10.34 12.48
CA SER E 177 41.07 -9.00 13.01
C SER E 177 40.55 -8.05 11.93
N PHE E 178 41.13 -8.12 10.73
CA PHE E 178 40.68 -7.26 9.64
C PHE E 178 39.24 -7.56 9.27
N THR E 179 38.88 -8.84 9.17
CA THR E 179 37.51 -9.19 8.82
C THR E 179 36.53 -8.80 9.90
N ALA E 180 36.91 -8.96 11.18
CA ALA E 180 36.03 -8.56 12.27
C ALA E 180 35.80 -7.06 12.28
N GLN E 181 36.87 -6.27 12.08
CA GLN E 181 36.71 -4.83 12.01
C GLN E 181 35.85 -4.43 10.82
N LEU E 182 36.09 -5.04 9.67
CA LEU E 182 35.26 -4.78 8.49
C LEU E 182 33.80 -5.05 8.77
N ASN E 183 33.49 -6.21 9.34
CA ASN E 183 32.11 -6.59 9.59
C ASN E 183 31.45 -5.64 10.60
N MET E 184 32.16 -5.31 11.69
CA MET E 184 31.55 -4.47 12.71
C MET E 184 31.34 -3.05 12.20
N PHE E 185 32.30 -2.50 11.44
CA PHE E 185 32.10 -1.15 10.90
C PHE E 185 31.00 -1.14 9.85
N ALA E 186 30.93 -2.18 9.02
CA ALA E 186 29.85 -2.27 8.04
C ALA E 186 28.49 -2.35 8.72
N SER E 187 28.39 -3.13 9.80
CA SER E 187 27.13 -3.21 10.54
C SER E 187 26.75 -1.88 11.15
N VAL E 188 27.71 -1.18 11.77
CA VAL E 188 27.41 0.11 12.36
C VAL E 188 26.95 1.10 11.31
N PHE E 189 27.63 1.12 10.16
CA PHE E 189 27.23 2.01 9.08
C PHE E 189 25.86 1.65 8.53
N PHE E 190 25.54 0.36 8.46
CA PHE E 190 24.24 -0.05 7.95
C PHE E 190 23.12 0.37 8.90
N LEU E 191 23.33 0.20 10.21
CA LEU E 191 22.32 0.69 11.16
C LEU E 191 22.16 2.20 11.10
N THR E 192 23.26 2.95 10.99
CA THR E 192 23.12 4.41 10.98
C THR E 192 22.46 4.89 9.68
N VAL E 193 22.75 4.22 8.55
CA VAL E 193 22.10 4.61 7.30
C VAL E 193 20.65 4.19 7.29
N ILE E 194 20.31 3.08 7.98
CA ILE E 194 18.91 2.70 8.11
C ILE E 194 18.15 3.75 8.93
N SER E 195 18.78 4.23 10.02
CA SER E 195 18.15 5.30 10.80
C SER E 195 17.98 6.56 9.96
N LEU E 196 19.00 6.91 9.17
CA LEU E 196 18.90 8.09 8.30
C LEU E 196 17.75 7.94 7.32
N ASP E 197 17.64 6.76 6.69
CA ASP E 197 16.58 6.53 5.71
C ASP E 197 15.20 6.57 6.37
N HIS E 198 15.08 6.00 7.57
CA HIS E 198 13.81 6.04 8.28
C HIS E 198 13.40 7.48 8.60
N TYR E 199 14.36 8.27 9.10
CA TYR E 199 14.07 9.68 9.40
C TYR E 199 13.68 10.44 8.15
N ILE E 200 14.39 10.22 7.04
CA ILE E 200 14.06 10.92 5.80
C ILE E 200 12.68 10.53 5.30
N HIS E 201 12.36 9.24 5.35
CA HIS E 201 11.08 8.76 4.84
C HIS E 201 9.91 9.27 5.67
N LEU E 202 10.05 9.28 7.00
CA LEU E 202 8.94 9.64 7.87
C LEU E 202 8.84 11.14 8.16
N ILE E 203 9.80 11.95 7.69
CA ILE E 203 9.79 13.39 7.93
C ILE E 203 9.75 14.18 6.63
N HIS E 204 10.52 13.77 5.62
CA HIS E 204 10.60 14.48 4.34
C HIS E 204 10.09 13.57 3.23
N PRO E 205 8.77 13.51 3.03
CA PRO E 205 8.24 12.71 1.92
C PRO E 205 8.32 13.41 0.56
N VAL E 206 8.61 14.72 0.54
CA VAL E 206 8.68 15.43 -0.72
C VAL E 206 9.79 14.86 -1.61
N LEU E 207 10.93 14.52 -1.01
CA LEU E 207 12.02 13.83 -1.69
C LEU E 207 12.33 12.58 -0.89
N SER E 208 11.54 11.54 -1.12
CA SER E 208 11.71 10.24 -0.47
C SER E 208 11.74 9.10 -1.47
N HIS E 209 10.95 9.17 -2.54
CA HIS E 209 10.93 8.16 -3.58
C HIS E 209 11.44 8.70 -4.91
N ARG E 210 12.32 9.69 -4.85
CA ARG E 210 12.96 10.25 -6.04
C ARG E 210 14.44 9.91 -6.11
N HIS E 211 15.15 10.03 -4.99
CA HIS E 211 16.55 9.63 -4.91
C HIS E 211 16.73 8.20 -4.41
N ARG E 212 15.74 7.66 -3.70
CA ARG E 212 15.81 6.30 -3.16
C ARG E 212 15.52 5.32 -4.31
N THR E 213 16.59 4.90 -4.98
CA THR E 213 16.50 3.95 -6.08
C THR E 213 17.43 2.78 -5.79
N LEU E 214 17.05 1.59 -6.27
CA LEU E 214 17.86 0.40 -6.05
C LEU E 214 19.29 0.59 -6.56
N LYS E 215 19.47 1.33 -7.65
CA LYS E 215 20.82 1.65 -8.11
C LYS E 215 21.54 2.56 -7.11
N ASN E 216 20.84 3.57 -6.60
CA ASN E 216 21.43 4.44 -5.57
C ASN E 216 21.70 3.66 -4.30
N SER E 217 20.80 2.74 -3.93
CA SER E 217 21.03 1.90 -2.76
C SER E 217 22.26 1.02 -2.95
N LEU E 218 22.44 0.47 -4.15
CA LEU E 218 23.63 -0.33 -4.44
C LEU E 218 24.89 0.52 -4.35
N ILE E 219 24.83 1.75 -4.85
CA ILE E 219 25.98 2.65 -4.74
C ILE E 219 26.32 2.92 -3.28
N VAL E 220 25.28 3.16 -2.46
CA VAL E 220 25.51 3.42 -1.04
C VAL E 220 26.11 2.21 -0.36
N ILE E 221 25.62 1.01 -0.68
CA ILE E 221 26.14 -0.22 -0.08
C ILE E 221 27.60 -0.41 -0.47
N ILE E 222 27.93 -0.19 -1.74
CA ILE E 222 29.31 -0.33 -2.20
C ILE E 222 30.21 0.68 -1.50
N PHE E 223 29.74 1.93 -1.37
CA PHE E 223 30.54 2.94 -0.67
C PHE E 223 30.80 2.54 0.77
N ILE E 224 29.76 2.04 1.45
CA ILE E 224 29.92 1.61 2.84
C ILE E 224 30.91 0.46 2.94
N TRP E 225 30.80 -0.52 2.04
CA TRP E 225 31.69 -1.68 2.10
C TRP E 225 33.13 -1.30 1.85
N LEU E 226 33.40 -0.45 0.84
CA LEU E 226 34.77 -0.03 0.60
C LEU E 226 35.30 0.90 1.69
N LEU E 227 34.43 1.70 2.31
CA LEU E 227 34.88 2.51 3.45
C LEU E 227 35.30 1.62 4.62
N ALA E 228 34.48 0.62 4.95
CA ALA E 228 34.82 -0.31 6.01
C ALA E 228 36.05 -1.15 5.65
N SER E 229 36.26 -1.39 4.35
CA SER E 229 37.45 -2.11 3.92
C SER E 229 38.70 -1.26 4.12
N LEU E 230 38.73 -0.08 3.51
CA LEU E 230 39.87 0.82 3.71
C LEU E 230 39.61 1.78 4.86
N ILE E 231 39.15 1.22 5.98
CA ILE E 231 39.25 1.86 7.28
C ILE E 231 39.84 0.95 8.34
N GLY E 232 39.84 -0.36 8.15
CA GLY E 232 40.51 -1.29 9.03
C GLY E 232 41.82 -1.77 8.44
N GLY E 233 42.35 -0.98 7.51
CA GLY E 233 43.58 -1.30 6.82
C GLY E 233 44.79 -1.52 7.73
N PRO E 234 45.03 -0.64 8.70
CA PRO E 234 46.16 -0.85 9.62
C PRO E 234 46.04 -2.11 10.47
N ALA E 235 44.85 -2.71 10.57
CA ALA E 235 44.70 -3.93 11.34
C ALA E 235 45.27 -5.15 10.62
N LEU E 236 45.47 -5.06 9.30
CA LEU E 236 46.07 -6.13 8.52
C LEU E 236 47.58 -5.96 8.34
N TYR E 237 48.13 -4.83 8.76
CA TYR E 237 49.54 -4.53 8.55
C TYR E 237 50.34 -4.34 9.83
N PHE E 238 49.68 -4.08 10.97
CA PHE E 238 50.39 -3.74 12.20
C PHE E 238 50.53 -4.91 13.16
N ARG E 239 49.56 -5.83 13.20
CA ARG E 239 49.57 -6.89 14.19
C ARG E 239 50.78 -7.82 14.02
N ASP E 240 51.34 -8.25 15.14
CA ASP E 240 52.45 -9.17 15.17
C ASP E 240 52.31 -10.10 16.36
N THR E 241 52.93 -11.27 16.25
CA THR E 241 52.80 -12.33 17.25
C THR E 241 54.13 -12.52 17.98
N VAL E 242 54.09 -12.50 19.31
CA VAL E 242 55.27 -12.59 20.16
C VAL E 242 54.95 -13.47 21.37
N GLU E 243 55.96 -13.63 22.23
CA GLU E 243 55.87 -14.48 23.41
C GLU E 243 55.67 -13.63 24.67
N PHE E 244 54.85 -14.14 25.58
CA PHE E 244 54.43 -13.40 26.78
C PHE E 244 54.50 -14.32 28.01
N ASN E 245 55.67 -14.90 28.26
CA ASN E 245 55.87 -15.90 29.31
C ASN E 245 55.13 -17.19 29.01
N ASN E 246 55.55 -17.87 27.93
CA ASN E 246 54.99 -19.16 27.53
C ASN E 246 53.55 -19.03 27.07
N HIS E 247 53.27 -17.94 26.36
CA HIS E 247 51.95 -17.69 25.78
C HIS E 247 52.15 -16.87 24.52
N THR E 248 51.69 -17.39 23.39
CA THR E 248 51.84 -16.69 22.12
C THR E 248 50.67 -15.74 21.91
N LEU E 249 50.97 -14.45 21.75
CA LEU E 249 49.94 -13.43 21.61
C LEU E 249 50.18 -12.64 20.34
N CYS E 250 49.10 -12.41 19.58
CA CYS E 250 49.12 -11.51 18.44
C CYS E 250 48.47 -10.20 18.86
N TYR E 251 49.23 -9.11 18.78
CA TYR E 251 48.78 -7.81 19.26
C TYR E 251 49.09 -6.74 18.23
N ASN E 252 48.50 -5.55 18.43
CA ASN E 252 48.52 -4.50 17.42
C ASN E 252 49.93 -4.08 17.04
N ASN E 253 50.88 -4.17 17.98
CA ASN E 253 52.28 -3.83 17.74
C ASN E 253 52.40 -2.39 17.21
N PHE E 254 52.01 -1.44 18.06
CA PHE E 254 52.07 -0.02 17.72
C PHE E 254 53.47 0.53 17.99
N GLN E 255 54.46 -0.13 17.36
CA GLN E 255 55.85 0.27 17.51
C GLN E 255 56.62 0.20 16.19
N LYS E 256 55.94 0.25 15.07
CA LYS E 256 56.60 0.18 13.77
C LYS E 256 57.21 1.52 13.39
N PRO E 259 59.33 4.17 18.39
CA PRO E 259 59.81 5.26 19.24
C PRO E 259 58.84 6.44 19.27
N ASP E 260 59.17 7.49 18.53
CA ASP E 260 58.29 8.66 18.46
C ASP E 260 56.97 8.30 17.80
N LEU E 261 57.01 7.50 16.74
CA LEU E 261 55.79 7.09 16.05
C LEU E 261 54.94 6.14 16.88
N THR E 262 55.53 5.50 17.90
CA THR E 262 54.78 4.55 18.70
C THR E 262 53.63 5.21 19.45
N LEU E 263 53.88 6.38 20.03
CA LEU E 263 52.85 7.05 20.82
C LEU E 263 51.75 7.63 19.94
N ILE E 264 52.12 8.29 18.84
CA ILE E 264 51.13 8.96 18.01
C ILE E 264 50.24 7.95 17.29
N ARG E 265 50.82 6.85 16.81
CA ARG E 265 50.04 5.88 16.04
C ARG E 265 48.97 5.22 16.91
N HIS E 266 49.28 4.94 18.17
CA HIS E 266 48.31 4.34 19.07
C HIS E 266 47.13 5.28 19.29
N HIS E 267 47.39 6.57 19.49
CA HIS E 267 46.32 7.52 19.77
C HIS E 267 45.44 7.76 18.55
N VAL E 268 46.05 7.87 17.37
CA VAL E 268 45.29 8.23 16.17
C VAL E 268 44.27 7.15 15.83
N LEU E 269 44.70 5.88 15.85
CA LEU E 269 43.81 4.80 15.42
C LEU E 269 42.63 4.64 16.37
N THR E 270 42.89 4.63 17.68
CA THR E 270 41.80 4.46 18.64
C THR E 270 40.84 5.64 18.60
N TRP E 271 41.37 6.87 18.49
CA TRP E 271 40.50 8.03 18.41
C TRP E 271 39.66 8.01 17.14
N VAL E 272 40.27 7.62 16.01
CA VAL E 272 39.51 7.52 14.76
C VAL E 272 38.41 6.48 14.87
N LYS E 273 38.72 5.32 15.48
CA LYS E 273 37.70 4.31 15.67
C LYS E 273 36.57 4.79 16.56
N PHE E 274 36.91 5.52 17.63
CA PHE E 274 35.89 6.08 18.50
C PHE E 274 35.01 7.10 17.77
N ILE E 275 35.63 7.95 16.95
CA ILE E 275 34.88 8.99 16.26
C ILE E 275 33.94 8.38 15.22
N ILE E 276 34.44 7.45 14.41
CA ILE E 276 33.66 6.93 13.29
C ILE E 276 32.77 5.75 13.68
N GLY E 277 32.97 5.17 14.87
CA GLY E 277 32.18 4.01 15.26
C GLY E 277 31.25 4.25 16.42
N TYR E 278 31.55 5.23 17.27
CA TYR E 278 30.73 5.51 18.44
C TYR E 278 30.22 6.93 18.55
N LEU E 279 30.90 7.92 17.99
CA LEU E 279 30.43 9.29 18.13
C LEU E 279 29.46 9.66 17.01
N PHE E 280 29.93 9.62 15.76
CA PHE E 280 29.07 9.99 14.64
C PHE E 280 27.86 9.08 14.48
N PRO E 281 27.99 7.74 14.49
CA PRO E 281 26.78 6.93 14.33
C PRO E 281 25.79 7.06 15.46
N LEU E 282 26.26 7.10 16.71
CA LEU E 282 25.34 7.27 17.84
C LEU E 282 24.67 8.63 17.80
N LEU E 283 25.41 9.68 17.45
CA LEU E 283 24.81 11.00 17.34
C LEU E 283 23.75 11.03 16.24
N THR E 284 24.05 10.42 15.10
CA THR E 284 23.06 10.37 14.01
C THR E 284 21.82 9.61 14.43
N MET E 285 21.99 8.46 15.09
CA MET E 285 20.85 7.67 15.54
C MET E 285 20.02 8.43 16.57
N SER E 286 20.68 9.13 17.49
CA SER E 286 19.96 9.89 18.52
C SER E 286 19.18 11.05 17.90
N ILE E 287 19.84 11.85 17.06
CA ILE E 287 19.17 13.01 16.48
C ILE E 287 18.03 12.57 15.57
N CYS E 288 18.25 11.54 14.75
CA CYS E 288 17.21 11.08 13.84
C CYS E 288 16.00 10.54 14.60
N TYR E 289 16.23 9.75 15.65
CA TYR E 289 15.13 9.13 16.36
C TYR E 289 14.37 10.13 17.22
N LEU E 290 15.09 11.00 17.94
CA LEU E 290 14.41 11.97 18.81
C LEU E 290 13.59 12.96 17.99
N CYS E 291 14.12 13.42 16.86
CA CYS E 291 13.35 14.32 16.00
C CYS E 291 12.10 13.63 15.47
N LEU E 292 12.19 12.33 15.19
CA LEU E 292 11.01 11.57 14.79
C LEU E 292 9.98 11.53 15.91
N ILE E 293 10.43 11.34 17.15
CA ILE E 293 9.51 11.29 18.28
C ILE E 293 8.83 12.64 18.47
N PHE E 294 9.58 13.73 18.36
CA PHE E 294 8.99 15.05 18.53
C PHE E 294 7.93 15.33 17.46
N LYS E 295 8.20 14.95 16.22
CA LYS E 295 7.22 15.14 15.16
C LYS E 295 5.97 14.29 15.38
N VAL E 296 6.15 13.03 15.79
CA VAL E 296 5.01 12.15 16.06
C VAL E 296 4.23 12.64 17.28
N LYS E 297 4.95 13.16 18.28
CA LYS E 297 4.29 13.64 19.50
C LYS E 297 3.30 14.75 19.21
N LYS E 298 3.57 15.58 18.21
CA LYS E 298 2.64 16.63 17.79
C LYS E 298 1.62 16.10 16.80
N ARG E 299 0.96 15.01 17.16
CA ARG E 299 -0.04 14.37 16.31
C ARG E 299 -0.88 13.45 17.19
N SER E 300 -1.72 12.62 16.55
CA SER E 300 -2.57 11.69 17.27
C SER E 300 -2.40 10.27 16.75
N SER E 304 2.07 5.44 16.36
CA SER E 304 1.67 4.26 17.10
C SER E 304 2.49 4.10 18.39
N SER E 305 1.86 3.55 19.42
CA SER E 305 2.55 3.35 20.69
C SER E 305 3.70 2.36 20.54
N ARG E 306 3.48 1.27 19.79
CA ARG E 306 4.52 0.27 19.60
C ARG E 306 5.70 0.80 18.82
N HIS E 307 5.52 1.86 18.04
CA HIS E 307 6.63 2.42 17.26
C HIS E 307 7.67 3.07 18.16
N PHE E 308 7.25 3.70 19.25
CA PHE E 308 8.21 4.34 20.16
C PHE E 308 8.96 3.30 20.99
N TRP E 309 8.27 2.26 21.46
CA TRP E 309 8.90 1.29 22.34
C TRP E 309 10.03 0.53 21.64
N THR E 310 9.82 0.12 20.39
CA THR E 310 10.87 -0.60 19.68
C THR E 310 12.07 0.30 19.41
N ILE E 311 11.83 1.58 19.09
CA ILE E 311 12.93 2.51 18.86
C ILE E 311 13.73 2.69 20.14
N LEU E 312 13.04 2.87 21.27
CA LEU E 312 13.73 3.04 22.55
C LEU E 312 14.52 1.80 22.91
N VAL E 313 13.94 0.61 22.68
CA VAL E 313 14.62 -0.64 23.01
C VAL E 313 15.87 -0.79 22.15
N VAL E 314 15.77 -0.48 20.86
CA VAL E 314 16.93 -0.57 19.98
C VAL E 314 18.02 0.40 20.44
N VAL E 315 17.62 1.63 20.79
CA VAL E 315 18.61 2.63 21.21
C VAL E 315 19.32 2.19 22.48
N VAL E 316 18.55 1.71 23.47
CA VAL E 316 19.16 1.33 24.74
C VAL E 316 20.03 0.08 24.56
N ALA E 317 19.62 -0.84 23.69
CA ALA E 317 20.45 -2.01 23.42
C ALA E 317 21.76 -1.63 22.75
N PHE E 318 21.70 -0.68 21.80
CA PHE E 318 22.93 -0.24 21.14
C PHE E 318 23.85 0.51 22.11
N VAL E 319 23.27 1.32 23.01
CA VAL E 319 24.07 2.15 23.89
C VAL E 319 24.83 1.30 24.91
N VAL E 320 24.14 0.36 25.55
CA VAL E 320 24.73 -0.34 26.70
C VAL E 320 25.80 -1.34 26.32
N CYS E 321 25.98 -1.62 25.04
CA CYS E 321 26.91 -2.67 24.61
C CYS E 321 28.22 -2.12 24.05
N TRP E 322 28.14 -1.18 23.10
CA TRP E 322 29.35 -0.61 22.54
C TRP E 322 30.03 0.38 23.48
N THR E 323 29.29 0.93 24.45
CA THR E 323 29.87 1.88 25.39
C THR E 323 31.02 1.29 26.21
N PRO E 324 30.88 0.12 26.85
CA PRO E 324 32.04 -0.43 27.57
C PRO E 324 33.23 -0.69 26.66
N TYR E 325 33.00 -1.19 25.45
CA TYR E 325 34.11 -1.49 24.54
C TYR E 325 34.85 -0.22 24.17
N HIS E 326 34.12 0.83 23.79
CA HIS E 326 34.78 2.07 23.39
C HIS E 326 35.44 2.76 24.58
N LEU E 327 34.82 2.71 25.75
CA LEU E 327 35.42 3.31 26.94
C LEU E 327 36.71 2.60 27.32
N PHE E 328 36.73 1.27 27.24
CA PHE E 328 37.95 0.53 27.57
C PHE E 328 39.02 0.74 26.50
N SER E 329 38.63 0.87 25.23
CA SER E 329 39.60 1.16 24.19
C SER E 329 40.23 2.54 24.40
N ILE E 330 39.42 3.53 24.80
CA ILE E 330 39.95 4.85 25.09
C ILE E 330 40.85 4.80 26.32
N TRP E 331 40.48 3.98 27.31
CA TRP E 331 41.27 3.86 28.53
C TRP E 331 42.66 3.30 28.27
N GLU E 332 42.85 2.58 27.16
CA GLU E 332 44.18 2.06 26.84
C GLU E 332 45.19 3.17 26.62
N LEU E 333 44.74 4.32 26.11
CA LEU E 333 45.65 5.43 25.86
C LEU E 333 46.22 5.98 27.16
N THR E 334 45.41 5.99 28.23
CA THR E 334 45.88 6.53 29.50
C THR E 334 47.00 5.70 30.09
N ILE E 335 47.08 4.41 29.74
CA ILE E 335 48.15 3.56 30.25
C ILE E 335 49.50 4.04 29.72
N HIS E 336 49.58 4.33 28.42
CA HIS E 336 50.83 4.81 27.84
C HIS E 336 51.09 6.27 28.17
N HIS E 337 50.04 7.09 28.27
CA HIS E 337 50.21 8.51 28.52
C HIS E 337 50.56 8.78 29.97
N ASN E 338 49.69 8.39 30.89
CA ASN E 338 49.87 8.62 32.32
C ASN E 338 50.09 7.28 33.03
N SER E 339 50.19 7.36 34.36
CA SER E 339 50.36 6.15 35.16
C SER E 339 49.07 5.34 35.18
N TYR E 340 49.22 4.02 35.27
CA TYR E 340 48.08 3.11 35.30
C TYR E 340 48.47 1.84 36.04
N SER E 341 47.46 1.09 36.46
CA SER E 341 47.66 -0.15 37.19
C SER E 341 47.52 -1.39 36.31
N HIS E 342 46.86 -1.28 35.16
CA HIS E 342 46.66 -2.40 34.24
C HIS E 342 45.96 -3.57 34.93
N HIS E 343 44.99 -3.26 35.78
CA HIS E 343 44.24 -4.26 36.52
C HIS E 343 42.79 -4.34 36.10
N VAL E 344 42.09 -3.18 36.05
CA VAL E 344 40.69 -3.18 35.67
C VAL E 344 40.53 -3.56 34.19
N MET E 345 41.52 -3.28 33.36
CA MET E 345 41.44 -3.58 31.93
C MET E 345 41.78 -5.04 31.62
N GLN E 346 42.24 -5.81 32.61
CA GLN E 346 42.58 -7.20 32.36
C GLN E 346 41.35 -8.08 32.20
N ALA E 347 40.18 -7.62 32.63
CA ALA E 347 38.96 -8.40 32.54
C ALA E 347 37.78 -7.64 31.97
N GLY E 348 37.79 -6.30 31.99
CA GLY E 348 36.68 -5.55 31.42
C GLY E 348 36.56 -5.68 29.93
N ILE E 349 37.69 -5.80 29.22
CA ILE E 349 37.65 -5.89 27.77
C ILE E 349 36.92 -7.15 27.28
N PRO E 350 37.17 -8.34 27.83
CA PRO E 350 36.36 -9.50 27.40
C PRO E 350 34.87 -9.32 27.63
N LEU E 351 34.48 -8.72 28.75
CA LEU E 351 33.06 -8.50 29.01
C LEU E 351 32.47 -7.50 28.03
N SER E 352 33.23 -6.45 27.69
CA SER E 352 32.77 -5.48 26.71
C SER E 352 32.61 -6.12 25.34
N THR E 353 33.57 -6.98 24.95
CA THR E 353 33.44 -7.69 23.68
C THR E 353 32.23 -8.62 23.70
N GLY E 354 31.97 -9.28 24.82
CA GLY E 354 30.77 -10.11 24.93
C GLY E 354 29.50 -9.31 24.78
N LEU E 355 29.45 -8.11 25.39
CA LEU E 355 28.30 -7.24 25.24
C LEU E 355 28.12 -6.82 23.78
N ALA E 356 29.23 -6.47 23.11
CA ALA E 356 29.14 -6.08 21.70
C ALA E 356 28.65 -7.23 20.84
N PHE E 357 29.14 -8.45 21.10
CA PHE E 357 28.69 -9.60 20.32
C PHE E 357 27.22 -9.89 20.58
N LEU E 358 26.78 -9.74 21.84
CA LEU E 358 25.36 -9.91 22.14
C LEU E 358 24.51 -8.88 21.41
N ASN E 359 24.99 -7.63 21.34
CA ASN E 359 24.27 -6.61 20.58
C ASN E 359 24.19 -6.97 19.11
N SER E 360 25.30 -7.45 18.54
CA SER E 360 25.29 -7.88 17.14
C SER E 360 24.30 -9.03 16.92
N CYS E 361 24.24 -9.95 17.87
CA CYS E 361 23.29 -11.07 17.77
C CYS E 361 21.85 -10.58 17.84
N LEU E 362 21.56 -9.64 18.74
CA LEU E 362 20.19 -9.19 18.96
C LEU E 362 19.74 -8.11 17.99
N ASN E 363 20.64 -7.56 17.18
CA ASN E 363 20.21 -6.61 16.16
C ASN E 363 19.20 -7.23 15.19
N PRO E 364 19.39 -8.43 14.64
CA PRO E 364 18.29 -9.06 13.89
C PRO E 364 17.05 -9.26 14.74
N ILE E 365 17.22 -9.60 16.02
CA ILE E 365 16.08 -9.84 16.90
C ILE E 365 15.18 -8.61 16.96
N LEU E 366 15.79 -7.44 17.20
CA LEU E 366 15.03 -6.21 17.39
C LEU E 366 14.70 -5.50 16.09
N TYR E 367 15.34 -5.86 14.98
CA TYR E 367 15.08 -5.19 13.70
C TYR E 367 14.13 -5.99 12.81
N VAL E 368 14.49 -7.24 12.51
CA VAL E 368 13.72 -8.07 11.58
C VAL E 368 12.90 -9.12 12.32
N LEU E 369 13.51 -9.80 13.29
CA LEU E 369 12.95 -11.01 13.88
C LEU E 369 11.85 -10.73 14.91
N ILE E 370 11.29 -9.52 14.95
CA ILE E 370 10.28 -9.18 15.96
C ILE E 370 9.02 -8.57 15.36
N SER E 371 9.02 -8.11 14.12
CA SER E 371 7.84 -7.45 13.57
C SER E 371 6.67 -8.42 13.46
N LYS E 372 5.46 -7.87 13.64
CA LYS E 372 4.25 -8.71 13.69
C LYS E 372 4.00 -9.40 12.36
N LYS E 373 4.19 -8.69 11.25
CA LYS E 373 3.92 -9.27 9.93
C LYS E 373 4.88 -10.42 9.64
N PHE E 374 6.09 -10.38 10.21
CA PHE E 374 7.11 -11.35 9.86
C PHE E 374 6.69 -12.76 10.28
N GLN E 375 6.14 -12.89 11.49
CA GLN E 375 5.81 -14.19 12.06
C GLN E 375 4.67 -14.89 11.31
N ALA E 376 3.91 -14.16 10.50
CA ALA E 376 2.70 -14.73 9.90
C ALA E 376 3.03 -15.88 8.95
N ARG E 377 4.08 -15.72 8.13
CA ARG E 377 4.32 -16.68 7.06
C ARG E 377 5.01 -17.95 7.53
N PHE E 378 5.60 -17.96 8.72
CA PHE E 378 6.07 -19.22 9.30
C PHE E 378 4.92 -20.08 9.81
N ARG E 379 3.82 -19.46 10.22
CA ARG E 379 2.62 -20.22 10.54
C ARG E 379 2.10 -20.97 9.32
N SER E 380 2.14 -20.32 8.16
CA SER E 380 1.79 -21.00 6.91
C SER E 380 2.87 -22.00 6.52
N SER E 381 4.14 -21.64 6.67
CA SER E 381 5.25 -22.51 6.32
C SER E 381 5.67 -23.36 7.52
N SEP E 400 -13.95 -13.47 0.25
CA SEP E 400 -14.88 -12.44 0.68
CB SEP E 400 -14.28 -11.05 0.49
OG SEP E 400 -15.16 -10.04 0.96
C SEP E 400 -16.20 -12.54 -0.08
O SEP E 400 -16.23 -12.97 -1.24
P SEP E 400 -14.38 -8.64 1.03
O1P SEP E 400 -13.09 -8.78 2.00
O2P SEP E 400 -13.89 -8.22 -0.44
O3P SEP E 400 -15.36 -7.51 1.62
N CYS E 401 -17.29 -12.16 0.57
CA CYS E 401 -18.62 -12.23 -0.03
C CYS E 401 -18.85 -11.10 -1.02
N TPO E 402 -19.94 -11.20 -1.78
CA TPO E 402 -20.27 -10.18 -2.77
CB TPO E 402 -20.59 -10.84 -4.11
CG2 TPO E 402 -20.59 -9.79 -5.22
OG1 TPO E 402 -19.60 -11.83 -4.39
P TPO E 402 -20.39 -13.22 -4.63
O1P TPO E 402 -21.34 -13.07 -5.74
O2P TPO E 402 -21.19 -13.61 -3.28
O3P TPO E 402 -19.33 -14.38 -4.97
C TPO E 402 -21.45 -9.34 -2.30
O TPO E 402 -22.38 -9.84 -1.66
N TPO E 403 -21.40 -8.04 -2.59
CA TPO E 403 -22.44 -7.11 -2.18
CB TPO E 403 -21.93 -5.68 -2.22
CG2 TPO E 403 -23.03 -4.72 -1.78
OG1 TPO E 403 -20.81 -5.56 -1.35
P TPO E 403 -19.52 -5.26 -2.28
O1P TPO E 403 -19.73 -4.01 -3.02
O2P TPO E 403 -19.31 -6.48 -3.31
O3P TPO E 403 -18.22 -5.12 -1.35
C TPO E 403 -23.70 -7.25 -3.04
O TPO E 403 -23.64 -7.11 -4.26
N ALA E 404 -24.83 -7.53 -2.40
CA ALA E 404 -26.09 -7.67 -3.11
C ALA E 404 -27.07 -6.56 -2.73
N SEP E 405 -28.35 -6.83 -2.89
CA SEP E 405 -29.39 -5.85 -2.56
CB SEP E 405 -29.54 -4.84 -3.70
OG SEP E 405 -30.00 -5.48 -4.88
C SEP E 405 -30.72 -6.52 -2.28
O SEP E 405 -30.96 -7.65 -2.72
P SEP E 405 -30.02 -4.43 -6.11
O1P SEP E 405 -30.89 -5.03 -7.32
O2P SEP E 405 -28.52 -4.16 -6.60
O3P SEP E 405 -30.68 -3.04 -5.62
N SEP E 406 -31.59 -5.84 -1.54
CA SEP E 406 -32.91 -6.35 -1.23
CB SEP E 406 -32.93 -6.97 0.17
OG SEP E 406 -32.25 -8.21 0.19
C SEP E 406 -33.99 -5.29 -1.35
O SEP E 406 -33.69 -4.10 -1.53
P SEP E 406 -33.13 -9.30 0.99
O1P SEP E 406 -32.35 -10.70 1.02
O2P SEP E 406 -34.55 -9.48 0.24
O3P SEP E 406 -33.38 -8.79 2.49
N SEP E 407 -35.25 -5.70 -1.24
CA SEP E 407 -36.38 -4.79 -1.37
CB SEP E 407 -37.62 -5.56 -1.79
OG SEP E 407 -37.36 -6.41 -2.88
C SEP E 407 -36.63 -4.04 -0.07
O SEP E 407 -35.93 -4.22 0.92
P SEP E 407 -38.41 -7.64 -2.87
O1P SEP E 407 -37.81 -8.87 -3.71
O2P SEP E 407 -39.80 -7.16 -3.51
O3P SEP E 407 -38.66 -8.10 -1.34
N LEU E 408 -37.67 -3.20 -0.09
CA LEU E 408 -38.08 -2.45 1.10
C LEU E 408 -39.50 -1.92 0.93
N ALA E 409 -40.36 -2.24 1.89
CA ALA E 409 -41.74 -1.78 1.83
C ALA E 409 -41.83 -0.28 2.03
N LYS E 410 -42.83 0.33 1.42
CA LYS E 410 -43.04 1.77 1.53
C LYS E 410 -44.01 2.11 2.66
CAA Y01 F . 3.84 8.46 5.62
CBA Y01 F . 4.78 9.45 4.88
CAB Y01 F . 4.04 10.78 4.66
CAN Y01 F . 5.26 8.84 3.53
CAJ Y01 F . 4.22 7.86 2.91
CAO Y01 F . 3.29 8.62 1.94
CBB Y01 F . 3.49 8.15 0.42
CAC Y01 F . 2.25 7.29 0.05
CBE Y01 F . 3.62 9.33 -0.39
CAP Y01 F . 4.74 10.22 0.23
CAQ Y01 F . 5.74 10.75 -1.08
CBG Y01 F . 4.82 10.40 -2.40
CBI Y01 F . 4.04 9.10 -1.98
CAE Y01 F . 5.08 7.99 -1.98
CAU Y01 F . 3.09 8.71 -2.96
CAS Y01 F . 3.64 8.77 -4.52
CBF Y01 F . 4.28 10.12 -4.84
CBD Y01 F . 5.39 10.38 -3.83
CAK Y01 F . 6.21 11.77 -4.14
CAI Y01 F . 6.85 11.74 -5.53
CAZ Y01 F . 6.12 10.76 -6.70
CAV Y01 F . 6.41 11.00 -8.20
CBH Y01 F . 4.75 10.24 -6.45
CAD Y01 F . 4.72 8.83 -7.05
CAT Y01 F . 3.68 11.07 -7.18
CAR Y01 F . 4.00 11.37 -8.65
CBC Y01 F . 5.37 11.93 -8.82
OAW Y01 F . 5.66 12.11 -10.23
CAY Y01 F . 5.97 13.46 -10.59
OAG Y01 F . 6.45 14.19 -9.81
CAM Y01 F . 5.67 13.97 -12.05
CAL Y01 F . 6.69 13.37 -13.03
CAX Y01 F . 8.12 13.53 -12.46
OAH Y01 F . 8.57 14.68 -12.21
OAF Y01 F . 8.83 12.51 -12.24
#